data_5CCW
# 
_entry.id   5CCW 
# 
_audit_conform.dict_name       mmcif_pdbx.dic 
_audit_conform.dict_version    5.383 
_audit_conform.dict_location   http://mmcif.pdb.org/dictionaries/ascii/mmcif_pdbx.dic 
# 
loop_
_database_2.database_id 
_database_2.database_code 
_database_2.pdbx_database_accession 
_database_2.pdbx_DOI 
PDB   5CCW         pdb_00005ccw 10.2210/pdb5ccw/pdb 
WWPDB D_1000211404 ?            ?                   
# 
loop_
_pdbx_audit_revision_history.ordinal 
_pdbx_audit_revision_history.data_content_type 
_pdbx_audit_revision_history.major_revision 
_pdbx_audit_revision_history.minor_revision 
_pdbx_audit_revision_history.revision_date 
1 'Structure model' 1 0 2016-03-16 
2 'Structure model' 1 1 2016-03-30 
3 'Structure model' 1 2 2024-01-10 
# 
_pdbx_audit_revision_details.ordinal             1 
_pdbx_audit_revision_details.revision_ordinal    1 
_pdbx_audit_revision_details.data_content_type   'Structure model' 
_pdbx_audit_revision_details.provider            repository 
_pdbx_audit_revision_details.type                'Initial release' 
_pdbx_audit_revision_details.description         ? 
_pdbx_audit_revision_details.details             ? 
# 
loop_
_pdbx_audit_revision_group.ordinal 
_pdbx_audit_revision_group.revision_ordinal 
_pdbx_audit_revision_group.data_content_type 
_pdbx_audit_revision_group.group 
1 2 'Structure model' 'Database references'    
2 3 'Structure model' 'Data collection'        
3 3 'Structure model' 'Database references'    
4 3 'Structure model' 'Derived calculations'   
5 3 'Structure model' 'Refinement description' 
# 
loop_
_pdbx_audit_revision_category.ordinal 
_pdbx_audit_revision_category.revision_ordinal 
_pdbx_audit_revision_category.data_content_type 
_pdbx_audit_revision_category.category 
1 3 'Structure model' chem_comp_atom                
2 3 'Structure model' chem_comp_bond                
3 3 'Structure model' database_2                    
4 3 'Structure model' pdbx_initial_refinement_model 
5 3 'Structure model' struct_conn                   
# 
loop_
_pdbx_audit_revision_item.ordinal 
_pdbx_audit_revision_item.revision_ordinal 
_pdbx_audit_revision_item.data_content_type 
_pdbx_audit_revision_item.item 
1 3 'Structure model' '_database_2.pdbx_DOI'                
2 3 'Structure model' '_database_2.pdbx_database_accession' 
3 3 'Structure model' '_struct_conn.pdbx_dist_value'        
4 3 'Structure model' '_struct_conn.ptnr2_auth_seq_id'      
5 3 'Structure model' '_struct_conn.ptnr2_label_asym_id'    
# 
_pdbx_database_status.status_code                     REL 
_pdbx_database_status.status_code_sf                  REL 
_pdbx_database_status.status_code_mr                  ? 
_pdbx_database_status.entry_id                        5CCW 
_pdbx_database_status.recvd_initial_deposition_date   2015-07-02 
_pdbx_database_status.SG_entry                        N 
_pdbx_database_status.deposit_site                    RCSB 
_pdbx_database_status.process_site                    PDBE 
_pdbx_database_status.status_code_cs                  ? 
_pdbx_database_status.methods_development_category    ? 
_pdbx_database_status.pdb_format_compatible           Y 
_pdbx_database_status.status_code_nmr_data            ? 
# 
loop_
_audit_author.name 
_audit_author.pdbx_ordinal 
'Ferraroni, M.'   1 
'Bazzicalupi, C.' 2 
'Gratteri, P.'    3 
'Messori, L.'     4 
'Papi, F.'        5 
# 
_citation.abstract                  ? 
_citation.abstract_id_CAS           ? 
_citation.book_id_ISBN              ? 
_citation.book_publisher            ? 
_citation.book_publisher_city       ? 
_citation.book_title                ? 
_citation.coordinate_linkage        ? 
_citation.country                   GE 
_citation.database_id_Medline       ? 
_citation.details                   ? 
_citation.id                        primary 
_citation.journal_abbrev            Angew.Chem.Int.Ed.Engl. 
_citation.journal_id_ASTM           ACIEAY 
_citation.journal_id_CSD            0179 
_citation.journal_id_ISSN           1521-3773 
_citation.journal_full              ? 
_citation.journal_issue             ? 
_citation.journal_volume            55 
_citation.language                  ? 
_citation.page_first                4256 
_citation.page_last                 4259 
_citation.title                     
;Determinants for Tight and Selective Binding of a Medicinal Dicarbene Gold(I) Complex to a Telomeric DNA G-Quadruplex: a Joint ESI MS and XRD Investigation.
;
_citation.year                      2016 
_citation.database_id_CSD           ? 
_citation.pdbx_database_id_DOI      10.1002/anie.201511999 
_citation.pdbx_database_id_PubMed   26929051 
_citation.unpublished_flag          ? 
# 
loop_
_citation_author.citation_id 
_citation_author.name 
_citation_author.ordinal 
_citation_author.identifier_ORCID 
primary 'Bazzicalupi, C.' 1 ? 
primary 'Ferraroni, M.'   2 ? 
primary 'Papi, F.'        3 ? 
primary 'Massai, L.'      4 ? 
primary 'Bertrand, B.'    5 ? 
primary 'Messori, L.'     6 ? 
primary 'Gratteri, P.'    7 ? 
primary 'Casini, A.'      8 ? 
# 
loop_
_entity.id 
_entity.type 
_entity.src_method 
_entity.pdbx_description 
_entity.formula_weight 
_entity.pdbx_number_of_molecules 
_entity.pdbx_ec 
_entity.pdbx_mutation 
_entity.pdbx_fragment 
_entity.details 
1 polymer     syn 'human telomeric DNA'    7287.690 1  ? ? ? ? 
2 non-polymer syn 'POTASSIUM ION'          39.098   2  ? ? ? ? 
3 non-polymer syn 'Au(caffein-2-ylidene)2' 613.401  3  ? ? ? ? 
4 water       nat water                    18.015   22 ? ? ? ? 
# 
_entity_poly.entity_id                      1 
_entity_poly.type                           polydeoxyribonucleotide 
_entity_poly.nstd_linkage                   no 
_entity_poly.nstd_monomer                   no 
_entity_poly.pdbx_seq_one_letter_code       
;(DT)(DA)(DG)(DG)(DG)(DT)(DT)(DA)(DG)(DG)(DG)(DT)(DT)(DA)(DG)(DG)(DG)(DT)(DT)(DA)
(DG)(DG)(DG)
;
_entity_poly.pdbx_seq_one_letter_code_can   TAGGGTTAGGGTTAGGGTTAGGG 
_entity_poly.pdbx_strand_id                 A 
_entity_poly.pdbx_target_identifier         ? 
# 
loop_
_pdbx_entity_nonpoly.entity_id 
_pdbx_entity_nonpoly.name 
_pdbx_entity_nonpoly.comp_id 
2 'POTASSIUM ION'          K   
3 'Au(caffein-2-ylidene)2' 51O 
4 water                    HOH 
# 
loop_
_entity_poly_seq.entity_id 
_entity_poly_seq.num 
_entity_poly_seq.mon_id 
_entity_poly_seq.hetero 
1 1  DT n 
1 2  DA n 
1 3  DG n 
1 4  DG n 
1 5  DG n 
1 6  DT n 
1 7  DT n 
1 8  DA n 
1 9  DG n 
1 10 DG n 
1 11 DG n 
1 12 DT n 
1 13 DT n 
1 14 DA n 
1 15 DG n 
1 16 DG n 
1 17 DG n 
1 18 DT n 
1 19 DT n 
1 20 DA n 
1 21 DG n 
1 22 DG n 
1 23 DG n 
# 
_pdbx_entity_src_syn.entity_id              1 
_pdbx_entity_src_syn.pdbx_src_id            1 
_pdbx_entity_src_syn.pdbx_alt_source_flag   sample 
_pdbx_entity_src_syn.pdbx_beg_seq_num       1 
_pdbx_entity_src_syn.pdbx_end_seq_num       23 
_pdbx_entity_src_syn.organism_scientific    'Homo sapiens' 
_pdbx_entity_src_syn.organism_common_name   ? 
_pdbx_entity_src_syn.ncbi_taxonomy_id       9606 
_pdbx_entity_src_syn.details                ? 
# 
loop_
_chem_comp.id 
_chem_comp.type 
_chem_comp.mon_nstd_flag 
_chem_comp.name 
_chem_comp.pdbx_synonyms 
_chem_comp.formula 
_chem_comp.formula_weight 
51O non-polymer   . 'Au(caffein-2-ylidene)2'             ? 'C18 H24 Au N8 O4 3' 613.401 
DA  'DNA linking' y "2'-DEOXYADENOSINE-5'-MONOPHOSPHATE" ? 'C10 H14 N5 O6 P'    331.222 
DG  'DNA linking' y "2'-DEOXYGUANOSINE-5'-MONOPHOSPHATE" ? 'C10 H14 N5 O7 P'    347.221 
DT  'DNA linking' y "THYMIDINE-5'-MONOPHOSPHATE"         ? 'C10 H15 N2 O8 P'    322.208 
HOH non-polymer   . WATER                                ? 'H2 O'               18.015  
K   non-polymer   . 'POTASSIUM ION'                      ? 'K 1'                39.098  
# 
loop_
_pdbx_poly_seq_scheme.asym_id 
_pdbx_poly_seq_scheme.entity_id 
_pdbx_poly_seq_scheme.seq_id 
_pdbx_poly_seq_scheme.mon_id 
_pdbx_poly_seq_scheme.ndb_seq_num 
_pdbx_poly_seq_scheme.pdb_seq_num 
_pdbx_poly_seq_scheme.auth_seq_num 
_pdbx_poly_seq_scheme.pdb_mon_id 
_pdbx_poly_seq_scheme.auth_mon_id 
_pdbx_poly_seq_scheme.pdb_strand_id 
_pdbx_poly_seq_scheme.pdb_ins_code 
_pdbx_poly_seq_scheme.hetero 
A 1 1  DT 1  1  1  DT DT A . n 
A 1 2  DA 2  2  2  DA DA A . n 
A 1 3  DG 3  3  3  DG DG A . n 
A 1 4  DG 4  4  4  DG DG A . n 
A 1 5  DG 5  5  5  DG DG A . n 
A 1 6  DT 6  6  6  DT DT A . n 
A 1 7  DT 7  7  7  DT DT A . n 
A 1 8  DA 8  8  8  DA DA A . n 
A 1 9  DG 9  9  9  DG DG A . n 
A 1 10 DG 10 10 10 DG DG A . n 
A 1 11 DG 11 11 11 DG DG A . n 
A 1 12 DT 12 12 12 DT DT A . n 
A 1 13 DT 13 13 ?  ?  ?  A . n 
A 1 14 DA 14 14 ?  ?  ?  A . n 
A 1 15 DG 15 15 15 DG DG A . n 
A 1 16 DG 16 16 16 DG DG A . n 
A 1 17 DG 17 17 17 DG DG A . n 
A 1 18 DT 18 18 18 DT DT A . n 
A 1 19 DT 19 19 19 DT DT A . n 
A 1 20 DA 20 20 20 DA DA A . n 
A 1 21 DG 21 21 21 DG DG A . n 
A 1 22 DG 22 22 22 DG DG A . n 
A 1 23 DG 23 23 23 DG DG A . n 
# 
loop_
_pdbx_nonpoly_scheme.asym_id 
_pdbx_nonpoly_scheme.entity_id 
_pdbx_nonpoly_scheme.mon_id 
_pdbx_nonpoly_scheme.ndb_seq_num 
_pdbx_nonpoly_scheme.pdb_seq_num 
_pdbx_nonpoly_scheme.auth_seq_num 
_pdbx_nonpoly_scheme.pdb_mon_id 
_pdbx_nonpoly_scheme.auth_mon_id 
_pdbx_nonpoly_scheme.pdb_strand_id 
_pdbx_nonpoly_scheme.pdb_ins_code 
B 2 K   1  101 1  K   K   A . 
C 2 K   1  102 2  K   K   A . 
D 3 51O 1  103 1  51O NHA A . 
E 3 51O 1  104 2  51O NHA A . 
F 3 51O 1  105 3  51O NHA A . 
G 4 HOH 1  201 20 HOH HOH A . 
G 4 HOH 2  202 17 HOH HOH A . 
G 4 HOH 3  203 12 HOH HOH A . 
G 4 HOH 4  204 8  HOH HOH A . 
G 4 HOH 5  205 4  HOH HOH A . 
G 4 HOH 6  206 19 HOH HOH A . 
G 4 HOH 7  207 3  HOH HOH A . 
G 4 HOH 8  208 2  HOH HOH A . 
G 4 HOH 9  209 6  HOH HOH A . 
G 4 HOH 10 210 18 HOH HOH A . 
G 4 HOH 11 211 10 HOH HOH A . 
G 4 HOH 12 212 7  HOH HOH A . 
G 4 HOH 13 213 5  HOH HOH A . 
G 4 HOH 14 214 22 HOH HOH A . 
G 4 HOH 15 215 13 HOH HOH A . 
G 4 HOH 16 216 16 HOH HOH A . 
G 4 HOH 17 217 14 HOH HOH A . 
G 4 HOH 18 218 9  HOH HOH A . 
G 4 HOH 19 219 21 HOH HOH A . 
G 4 HOH 20 220 11 HOH HOH A . 
G 4 HOH 21 221 1  HOH HOH A . 
G 4 HOH 22 222 15 HOH HOH A . 
# 
loop_
_pdbx_unobs_or_zero_occ_atoms.id 
_pdbx_unobs_or_zero_occ_atoms.PDB_model_num 
_pdbx_unobs_or_zero_occ_atoms.polymer_flag 
_pdbx_unobs_or_zero_occ_atoms.occupancy_flag 
_pdbx_unobs_or_zero_occ_atoms.auth_asym_id 
_pdbx_unobs_or_zero_occ_atoms.auth_comp_id 
_pdbx_unobs_or_zero_occ_atoms.auth_seq_id 
_pdbx_unobs_or_zero_occ_atoms.PDB_ins_code 
_pdbx_unobs_or_zero_occ_atoms.auth_atom_id 
_pdbx_unobs_or_zero_occ_atoms.label_alt_id 
_pdbx_unobs_or_zero_occ_atoms.label_asym_id 
_pdbx_unobs_or_zero_occ_atoms.label_comp_id 
_pdbx_unobs_or_zero_occ_atoms.label_seq_id 
_pdbx_unobs_or_zero_occ_atoms.label_atom_id 
1  1 Y 1 A DT 1  ? N1 ? A DT 1  N1 
2  1 Y 1 A DT 1  ? C2 ? A DT 1  C2 
3  1 Y 1 A DT 1  ? O2 ? A DT 1  O2 
4  1 Y 1 A DT 1  ? N3 ? A DT 1  N3 
5  1 Y 1 A DT 1  ? C4 ? A DT 1  C4 
6  1 Y 1 A DT 1  ? O4 ? A DT 1  O4 
7  1 Y 1 A DT 1  ? C5 ? A DT 1  C5 
8  1 Y 1 A DT 1  ? C7 ? A DT 1  C7 
9  1 Y 1 A DT 1  ? C6 ? A DT 1  C6 
10 1 Y 1 A DT 12 ? N1 ? A DT 12 N1 
11 1 Y 1 A DT 12 ? C2 ? A DT 12 C2 
12 1 Y 1 A DT 12 ? O2 ? A DT 12 O2 
13 1 Y 1 A DT 12 ? N3 ? A DT 12 N3 
14 1 Y 1 A DT 12 ? C4 ? A DT 12 C4 
15 1 Y 1 A DT 12 ? O4 ? A DT 12 O4 
16 1 Y 1 A DT 12 ? C5 ? A DT 12 C5 
17 1 Y 1 A DT 12 ? C7 ? A DT 12 C7 
18 1 Y 1 A DT 12 ? C6 ? A DT 12 C6 
# 
loop_
_software.citation_id 
_software.classification 
_software.compiler_name 
_software.compiler_version 
_software.contact_author 
_software.contact_author_email 
_software.date 
_software.description 
_software.dependencies 
_software.hardware 
_software.language 
_software.location 
_software.mods 
_software.name 
_software.os 
_software.os_version 
_software.type 
_software.version 
_software.pdbx_ordinal 
? refinement        ? ? ? ? ? ? ? ? ? ? ? REFMAC      ? ? ? 5.8.0073 1 
? phasing           ? ? ? ? ? ? ? ? ? ? ? PHASER      ? ? ? 2.5.6    2 
? 'data extraction' ? ? ? ? ? ? ? ? ? ? ? PDB_EXTRACT ? ? ? 3.15     3 
? 'data reduction'  ? ? ? ? ? ? ? ? ? ? ? XDS         ? ? ? .        4 
? 'data scaling'    ? ? ? ? ? ? ? ? ? ? ? XSCALE      ? ? ? .        5 
# 
_cell.length_a           47.129 
_cell.length_b           51.286 
_cell.length_c           58.768 
_cell.angle_alpha        90.000 
_cell.angle_beta         90.000 
_cell.angle_gamma        90.000 
_cell.entry_id           5CCW 
_cell.Z_PDB              8 
_cell.pdbx_unique_axis   ? 
# 
_symmetry.space_group_name_H-M             'I 21 21 21' 
_symmetry.entry_id                         5CCW 
_symmetry.pdbx_full_space_group_name_H-M   ? 
_symmetry.cell_setting                     ? 
_symmetry.Int_Tables_number                24 
# 
_exptl.absorpt_coefficient_mu     ? 
_exptl.absorpt_correction_T_max   ? 
_exptl.absorpt_correction_T_min   ? 
_exptl.absorpt_correction_type    ? 
_exptl.absorpt_process_details    ? 
_exptl.entry_id                   5CCW 
_exptl.crystals_number            1 
_exptl.details                    ? 
_exptl.method                     'X-RAY DIFFRACTION' 
_exptl.method_details             ? 
# 
_exptl_crystal.colour                      ? 
_exptl_crystal.density_diffrn              ? 
_exptl_crystal.density_Matthews            2.44 
_exptl_crystal.density_method              ? 
_exptl_crystal.density_percent_sol         49.52 
_exptl_crystal.description                 ? 
_exptl_crystal.F_000                       ? 
_exptl_crystal.id                          1 
_exptl_crystal.preparation                 ? 
_exptl_crystal.size_max                    ? 
_exptl_crystal.size_mid                    ? 
_exptl_crystal.size_min                    ? 
_exptl_crystal.size_rad                    ? 
_exptl_crystal.colour_lustre               ? 
_exptl_crystal.colour_modifier             ? 
_exptl_crystal.colour_primary              ? 
_exptl_crystal.density_meas                ? 
_exptl_crystal.density_meas_esd            ? 
_exptl_crystal.density_meas_gt             ? 
_exptl_crystal.density_meas_lt             ? 
_exptl_crystal.density_meas_temp           ? 
_exptl_crystal.density_meas_temp_esd       ? 
_exptl_crystal.density_meas_temp_gt        ? 
_exptl_crystal.density_meas_temp_lt        ? 
_exptl_crystal.pdbx_crystal_image_url      ? 
_exptl_crystal.pdbx_crystal_image_format   ? 
_exptl_crystal.pdbx_mosaicity              ? 
_exptl_crystal.pdbx_mosaicity_esd          ? 
# 
_exptl_crystal_grow.apparatus       ? 
_exptl_crystal_grow.atmosphere      ? 
_exptl_crystal_grow.crystal_id      1 
_exptl_crystal_grow.details         ? 
_exptl_crystal_grow.method          'VAPOR DIFFUSION, SITTING DROP' 
_exptl_crystal_grow.method_ref      ? 
_exptl_crystal_grow.pH              6.5 
_exptl_crystal_grow.pressure        ? 
_exptl_crystal_grow.pressure_esd    ? 
_exptl_crystal_grow.seeding         ? 
_exptl_crystal_grow.seeding_ref     ? 
_exptl_crystal_grow.temp            296 
_exptl_crystal_grow.temp_details    ? 
_exptl_crystal_grow.temp_esd        ? 
_exptl_crystal_grow.time            ? 
_exptl_crystal_grow.pdbx_details    'PEG400, lithium sulphate, sodium cacodylate' 
_exptl_crystal_grow.pdbx_pH_range   ? 
# 
_diffrn.ambient_environment    ? 
_diffrn.ambient_temp           100 
_diffrn.ambient_temp_details   ? 
_diffrn.ambient_temp_esd       ? 
_diffrn.crystal_id             1 
_diffrn.crystal_support        ? 
_diffrn.crystal_treatment      ? 
_diffrn.details                ? 
_diffrn.id                     1 
_diffrn.ambient_pressure       ? 
_diffrn.ambient_pressure_esd   ? 
_diffrn.ambient_pressure_gt    ? 
_diffrn.ambient_pressure_lt    ? 
_diffrn.ambient_temp_gt        ? 
_diffrn.ambient_temp_lt        ? 
# 
_diffrn_detector.details                      ? 
_diffrn_detector.detector                     CCD 
_diffrn_detector.diffrn_id                    1 
_diffrn_detector.type                         'ADSC QUANTUM 315r' 
_diffrn_detector.area_resol_mean              ? 
_diffrn_detector.dtime                        ? 
_diffrn_detector.pdbx_frames_total            ? 
_diffrn_detector.pdbx_collection_time_total   ? 
_diffrn_detector.pdbx_collection_date         2015-04-10 
# 
_diffrn_radiation.collimation                      ? 
_diffrn_radiation.diffrn_id                        1 
_diffrn_radiation.filter_edge                      ? 
_diffrn_radiation.inhomogeneity                    ? 
_diffrn_radiation.monochromator                    ? 
_diffrn_radiation.polarisn_norm                    ? 
_diffrn_radiation.polarisn_ratio                   ? 
_diffrn_radiation.probe                            ? 
_diffrn_radiation.type                             ? 
_diffrn_radiation.xray_symbol                      ? 
_diffrn_radiation.wavelength_id                    1 
_diffrn_radiation.pdbx_monochromatic_or_laue_m_l   M 
_diffrn_radiation.pdbx_wavelength_list             ? 
_diffrn_radiation.pdbx_wavelength                  ? 
_diffrn_radiation.pdbx_diffrn_protocol             'SINGLE WAVELENGTH' 
_diffrn_radiation.pdbx_analyzer                    ? 
_diffrn_radiation.pdbx_scattering_type             x-ray 
# 
_diffrn_radiation_wavelength.id           1 
_diffrn_radiation_wavelength.wavelength   0.9798 
_diffrn_radiation_wavelength.wt           1.0 
# 
_diffrn_source.current                     ? 
_diffrn_source.details                     ? 
_diffrn_source.diffrn_id                   1 
_diffrn_source.power                       ? 
_diffrn_source.size                        ? 
_diffrn_source.source                      SYNCHROTRON 
_diffrn_source.target                      ? 
_diffrn_source.type                        'ESRF BEAMLINE BM30A' 
_diffrn_source.voltage                     ? 
_diffrn_source.take-off_angle              ? 
_diffrn_source.pdbx_wavelength_list        0.9798 
_diffrn_source.pdbx_wavelength             ? 
_diffrn_source.pdbx_synchrotron_beamline   BM30A 
_diffrn_source.pdbx_synchrotron_site       ESRF 
# 
_reflns.B_iso_Wilson_estimate            ? 
_reflns.entry_id                         5CCW 
_reflns.data_reduction_details           ? 
_reflns.data_reduction_method            ? 
_reflns.d_resolution_high                1.89 
_reflns.d_resolution_low                 38.64 
_reflns.details                          ? 
_reflns.limit_h_max                      ? 
_reflns.limit_h_min                      ? 
_reflns.limit_k_max                      ? 
_reflns.limit_k_min                      ? 
_reflns.limit_l_max                      ? 
_reflns.limit_l_min                      ? 
_reflns.number_all                       5821 
_reflns.number_obs                       5821 
_reflns.observed_criterion               ? 
_reflns.observed_criterion_F_max         ? 
_reflns.observed_criterion_F_min         ? 
_reflns.observed_criterion_I_max         ? 
_reflns.observed_criterion_I_min         ? 
_reflns.observed_criterion_sigma_F       ? 
_reflns.observed_criterion_sigma_I       ? 
_reflns.percent_possible_obs             97.8 
_reflns.R_free_details                   ? 
_reflns.Rmerge_F_all                     ? 
_reflns.Rmerge_F_obs                     ? 
_reflns.Friedel_coverage                 ? 
_reflns.number_gt                        ? 
_reflns.threshold_expression             ? 
_reflns.pdbx_redundancy                  12.8 
_reflns.pdbx_Rmerge_I_obs                ? 
_reflns.pdbx_Rmerge_I_all                ? 
_reflns.pdbx_Rsym_value                  0.069 
_reflns.pdbx_netI_over_av_sigmaI         ? 
_reflns.pdbx_netI_over_sigmaI            15.36 
_reflns.pdbx_res_netI_over_av_sigmaI_2   ? 
_reflns.pdbx_res_netI_over_sigmaI_2      ? 
_reflns.pdbx_chi_squared                 ? 
_reflns.pdbx_scaling_rejects             ? 
_reflns.pdbx_d_res_high_opt              ? 
_reflns.pdbx_d_res_low_opt               ? 
_reflns.pdbx_d_res_opt_method            ? 
_reflns.phase_calculation_details        ? 
_reflns.pdbx_Rrim_I_all                  ? 
_reflns.pdbx_Rpim_I_all                  ? 
_reflns.pdbx_d_opt                       ? 
_reflns.pdbx_number_measured_all         ? 
_reflns.pdbx_diffrn_id                   1 
_reflns.pdbx_ordinal                     1 
_reflns.pdbx_CC_half                     ? 
_reflns.pdbx_R_split                     ? 
# 
_reflns_shell.d_res_high                  1.89 
_reflns_shell.d_res_low                   2.01 
_reflns_shell.meanI_over_sigI_all         ? 
_reflns_shell.meanI_over_sigI_obs         1.6 
_reflns_shell.number_measured_all         ? 
_reflns_shell.number_measured_obs         ? 
_reflns_shell.number_possible             ? 
_reflns_shell.number_unique_all           ? 
_reflns_shell.number_unique_obs           ? 
_reflns_shell.percent_possible_all        87.7 
_reflns_shell.percent_possible_obs        ? 
_reflns_shell.Rmerge_F_all                ? 
_reflns_shell.Rmerge_F_obs                ? 
_reflns_shell.Rmerge_I_all                ? 
_reflns_shell.Rmerge_I_obs                0.117 
_reflns_shell.meanI_over_sigI_gt          ? 
_reflns_shell.meanI_over_uI_all           ? 
_reflns_shell.meanI_over_uI_gt            ? 
_reflns_shell.number_measured_gt          ? 
_reflns_shell.number_unique_gt            ? 
_reflns_shell.percent_possible_gt         ? 
_reflns_shell.Rmerge_F_gt                 ? 
_reflns_shell.Rmerge_I_gt                 ? 
_reflns_shell.pdbx_redundancy             8.7 
_reflns_shell.pdbx_Rsym_value             ? 
_reflns_shell.pdbx_chi_squared            ? 
_reflns_shell.pdbx_netI_over_sigmaI_all   ? 
_reflns_shell.pdbx_netI_over_sigmaI_obs   ? 
_reflns_shell.pdbx_Rrim_I_all             ? 
_reflns_shell.pdbx_Rpim_I_all             ? 
_reflns_shell.pdbx_rejects                ? 
_reflns_shell.pdbx_ordinal                1 
_reflns_shell.pdbx_diffrn_id              1 
_reflns_shell.pdbx_CC_half                ? 
_reflns_shell.pdbx_R_split                ? 
# 
_refine.entry_id                                 5CCW 
_refine.pdbx_refine_id                           'X-RAY DIFFRACTION' 
_refine.ls_d_res_high                            1.8900 
_refine.ls_d_res_low                             30.0000 
_refine.pdbx_ls_sigma_F                          0.000 
_refine.pdbx_data_cutoff_high_absF               ? 
_refine.pdbx_data_cutoff_low_absF                ? 
_refine.ls_percent_reflns_obs                    97.6300 
_refine.ls_number_reflns_obs                     5512 
_refine.ls_number_reflns_all                     ? 
_refine.pdbx_ls_cross_valid_method               THROUGHOUT 
_refine.ls_matrix_type                           ? 
_refine.pdbx_R_Free_selection_details            RANDOM 
_refine.details                                  'U VALUES      : REFINED INDIVIDUALLY' 
_refine.ls_R_factor_all                          ? 
_refine.ls_R_factor_obs                          0.2271 
_refine.ls_R_factor_R_work                       0.2253 
_refine.ls_wR_factor_R_work                      0.2150 
_refine.ls_R_factor_R_free                       0.2601 
_refine.ls_wR_factor_R_free                      0.2589 
_refine.ls_percent_reflns_R_free                 5.1000 
_refine.ls_number_reflns_R_free                  295 
_refine.ls_number_reflns_R_work                  ? 
_refine.ls_R_factor_R_free_error                 ? 
_refine.B_iso_mean                               46.5750 
_refine.solvent_model_param_bsol                 ? 
_refine.solvent_model_param_ksol                 ? 
_refine.pdbx_isotropic_thermal_model             ? 
_refine.aniso_B[1][1]                            3.8400 
_refine.aniso_B[2][2]                            -6.3200 
_refine.aniso_B[3][3]                            2.4900 
_refine.aniso_B[1][2]                            0.0000 
_refine.aniso_B[1][3]                            -0.0000 
_refine.aniso_B[2][3]                            0.0000 
_refine.correlation_coeff_Fo_to_Fc               0.9610 
_refine.correlation_coeff_Fo_to_Fc_free          0.9730 
_refine.overall_SU_R_Cruickshank_DPI             0.1763 
_refine.pdbx_overall_SU_R_free_Cruickshank_DPI   ? 
_refine.pdbx_overall_SU_R_Blow_DPI               ? 
_refine.pdbx_overall_SU_R_free_Blow_DPI          ? 
_refine.overall_SU_R_free                        0.1584 
_refine.pdbx_overall_ESU_R                       0.1760 
_refine.pdbx_overall_ESU_R_Free                  0.1580 
_refine.overall_SU_ML                            0.1780 
_refine.overall_SU_B                             6.8900 
_refine.solvent_model_details                    MASK 
_refine.pdbx_solvent_vdw_probe_radii             1.2000 
_refine.pdbx_solvent_ion_probe_radii             0.8000 
_refine.pdbx_solvent_shrinkage_radii             0.8000 
_refine.ls_number_parameters                     ? 
_refine.ls_number_restraints                     ? 
_refine.pdbx_starting_model                      3R6R 
_refine.pdbx_method_to_determine_struct          'MOLECULAR REPLACEMENT' 
_refine.pdbx_stereochemistry_target_values       'MAXIMUM LIKELIHOOD' 
_refine.pdbx_stereochem_target_val_spec_case     ? 
_refine.overall_FOM_work_R_set                   0.6627 
_refine.B_iso_max                                124.630 
_refine.B_iso_min                                25.890 
_refine.pdbx_overall_phase_error                 ? 
_refine.occupancy_max                            ? 
_refine.occupancy_min                            ? 
_refine.pdbx_diffrn_id                           1 
_refine.pdbx_TLS_residual_ADP_flag               ? 
_refine.pdbx_ls_sigma_I                          ? 
_refine.pdbx_data_cutoff_high_rms_absF           ? 
_refine.ls_R_factor_R_free_error_details         ? 
# 
_refine_hist.cycle_id                         final 
_refine_hist.pdbx_refine_id                   'X-RAY DIFFRACTION' 
_refine_hist.d_res_high                       1.8900 
_refine_hist.d_res_low                        30.0000 
_refine_hist.pdbx_number_atoms_ligand         95 
_refine_hist.number_atoms_solvent             22 
_refine_hist.number_atoms_total               543 
_refine_hist.pdbx_number_residues_total       21 
_refine_hist.pdbx_B_iso_mean_ligand           35.68 
_refine_hist.pdbx_B_iso_mean_solvent          46.27 
_refine_hist.pdbx_number_atoms_protein        0 
_refine_hist.pdbx_number_atoms_nucleic_acid   426 
# 
loop_
_refine_ls_restr.pdbx_refine_id 
_refine_ls_restr.type 
_refine_ls_restr.number 
_refine_ls_restr.dev_ideal 
_refine_ls_restr.dev_ideal_target 
_refine_ls_restr.weight 
_refine_ls_restr.pdbx_restraint_function 
'X-RAY DIFFRACTION' r_bond_refined_d     581 0.006 0.012 ? ? 
'X-RAY DIFFRACTION' r_angle_refined_deg  904 1.133 1.467 ? ? 
'X-RAY DIFFRACTION' r_chiral_restr       61  0.069 0.200 ? ? 
'X-RAY DIFFRACTION' r_gen_planes_refined 310 0.011 0.020 ? ? 
'X-RAY DIFFRACTION' r_scbond_it          580 3.911 4.776 ? ? 
# 
_refine_ls_shell.d_res_high                       1.8920 
_refine_ls_shell.d_res_low                        1.9410 
_refine_ls_shell.pdbx_total_number_of_bins_used   20 
_refine_ls_shell.percent_reflns_obs               78.2300 
_refine_ls_shell.number_reflns_R_work             308 
_refine_ls_shell.R_factor_all                     ? 
_refine_ls_shell.R_factor_R_work                  0.4880 
_refine_ls_shell.R_factor_R_free                  0.6520 
_refine_ls_shell.percent_reflns_R_free            ? 
_refine_ls_shell.number_reflns_R_free             19 
_refine_ls_shell.R_factor_R_free_error            ? 
_refine_ls_shell.number_reflns_all                327 
_refine_ls_shell.number_reflns_obs                ? 
_refine_ls_shell.pdbx_refine_id                   'X-RAY DIFFRACTION' 
# 
_struct.entry_id                     5CCW 
_struct.title                        'Structure of the complex of a human telomeric DNA with Au(caffein-2-ylidene)2' 
_struct.pdbx_model_details           ? 
_struct.pdbx_formula_weight          ? 
_struct.pdbx_formula_weight_method   ? 
_struct.pdbx_model_type_details      ? 
_struct.pdbx_CASP_flag               ? 
# 
_struct_keywords.entry_id        5CCW 
_struct_keywords.text            'DRUG-DNA COMPLEX, G-QUADRUPLEX' 
_struct_keywords.pdbx_keywords   DRUG/DNA 
# 
loop_
_struct_asym.id 
_struct_asym.pdbx_blank_PDB_chainid_flag 
_struct_asym.pdbx_modified 
_struct_asym.entity_id 
_struct_asym.details 
A N N 1 ? 
B N N 2 ? 
C N N 2 ? 
D N N 3 ? 
E N N 3 ? 
F N N 3 ? 
G N N 4 ? 
# 
_struct_ref.db_code                    5CCW 
_struct_ref.db_name                    PDB 
_struct_ref.details                    ? 
_struct_ref.entity_id                  1 
_struct_ref.id                         1 
_struct_ref.seq_align                  ? 
_struct_ref.seq_dif                    ? 
_struct_ref.pdbx_db_accession          5CCW 
_struct_ref.pdbx_db_isoform            ? 
_struct_ref.pdbx_seq_one_letter_code   ? 
_struct_ref.pdbx_align_begin           1 
_struct_ref.pdbx_align_end             ? 
# 
_struct_ref_seq.align_id                      1 
_struct_ref_seq.ref_id                        1 
_struct_ref_seq.pdbx_PDB_id_code              5CCW 
_struct_ref_seq.pdbx_strand_id                A 
_struct_ref_seq.seq_align_beg                 1 
_struct_ref_seq.pdbx_seq_align_beg_ins_code   ? 
_struct_ref_seq.seq_align_end                 23 
_struct_ref_seq.pdbx_seq_align_end_ins_code   ? 
_struct_ref_seq.pdbx_db_accession             5CCW 
_struct_ref_seq.db_align_beg                  1 
_struct_ref_seq.pdbx_db_align_beg_ins_code    ? 
_struct_ref_seq.db_align_end                  23 
_struct_ref_seq.pdbx_db_align_end_ins_code    ? 
_struct_ref_seq.pdbx_auth_seq_align_beg       1 
_struct_ref_seq.pdbx_auth_seq_align_end       23 
# 
_pdbx_struct_assembly.id                   1 
_pdbx_struct_assembly.details              author_defined_assembly 
_pdbx_struct_assembly.method_details       ? 
_pdbx_struct_assembly.oligomeric_details   monomeric 
_pdbx_struct_assembly.oligomeric_count     1 
# 
_pdbx_struct_assembly_gen.assembly_id       1 
_pdbx_struct_assembly_gen.oper_expression   1 
_pdbx_struct_assembly_gen.asym_id_list      A,B,C,D,E,F,G 
# 
_pdbx_struct_oper_list.id                   1 
_pdbx_struct_oper_list.type                 'identity operation' 
_pdbx_struct_oper_list.name                 1_555 
_pdbx_struct_oper_list.symmetry_operation   x,y,z 
_pdbx_struct_oper_list.matrix[1][1]         1.0000000000 
_pdbx_struct_oper_list.matrix[1][2]         0.0000000000 
_pdbx_struct_oper_list.matrix[1][3]         0.0000000000 
_pdbx_struct_oper_list.vector[1]            0.0000000000 
_pdbx_struct_oper_list.matrix[2][1]         0.0000000000 
_pdbx_struct_oper_list.matrix[2][2]         1.0000000000 
_pdbx_struct_oper_list.matrix[2][3]         0.0000000000 
_pdbx_struct_oper_list.vector[2]            0.0000000000 
_pdbx_struct_oper_list.matrix[3][1]         0.0000000000 
_pdbx_struct_oper_list.matrix[3][2]         0.0000000000 
_pdbx_struct_oper_list.matrix[3][3]         1.0000000000 
_pdbx_struct_oper_list.vector[3]            0.0000000000 
# 
loop_
_struct_conn.id 
_struct_conn.conn_type_id 
_struct_conn.pdbx_leaving_atom_flag 
_struct_conn.pdbx_PDB_id 
_struct_conn.ptnr1_label_asym_id 
_struct_conn.ptnr1_label_comp_id 
_struct_conn.ptnr1_label_seq_id 
_struct_conn.ptnr1_label_atom_id 
_struct_conn.pdbx_ptnr1_label_alt_id 
_struct_conn.pdbx_ptnr1_PDB_ins_code 
_struct_conn.pdbx_ptnr1_standard_comp_id 
_struct_conn.ptnr1_symmetry 
_struct_conn.ptnr2_label_asym_id 
_struct_conn.ptnr2_label_comp_id 
_struct_conn.ptnr2_label_seq_id 
_struct_conn.ptnr2_label_atom_id 
_struct_conn.pdbx_ptnr2_label_alt_id 
_struct_conn.pdbx_ptnr2_PDB_ins_code 
_struct_conn.ptnr1_auth_asym_id 
_struct_conn.ptnr1_auth_comp_id 
_struct_conn.ptnr1_auth_seq_id 
_struct_conn.ptnr2_auth_asym_id 
_struct_conn.ptnr2_auth_comp_id 
_struct_conn.ptnr2_auth_seq_id 
_struct_conn.ptnr2_symmetry 
_struct_conn.pdbx_ptnr3_label_atom_id 
_struct_conn.pdbx_ptnr3_label_seq_id 
_struct_conn.pdbx_ptnr3_label_comp_id 
_struct_conn.pdbx_ptnr3_label_asym_id 
_struct_conn.pdbx_ptnr3_label_alt_id 
_struct_conn.pdbx_ptnr3_PDB_ins_code 
_struct_conn.details 
_struct_conn.pdbx_dist_value 
_struct_conn.pdbx_value_order 
_struct_conn.pdbx_role 
metalc1  metalc ? ? A DG 3  O6 ? ? ? 1_555 B K  .  K  ? ? A DG 3  A K  101 1_555 ? ? ? ? ? ? ?           2.689 ? ? 
metalc2  metalc ? ? A DG 4  O6 ? ? ? 1_555 B K  .  K  ? ? A DG 4  A K  101 1_555 ? ? ? ? ? ? ?           2.902 ? ? 
metalc3  metalc ? ? A DG 4  O6 ? ? ? 1_555 C K  .  K  ? ? A DG 4  A K  102 1_555 ? ? ? ? ? ? ?           2.812 ? ? 
metalc4  metalc ? ? A DG 5  O6 ? ? ? 1_555 C K  .  K  ? ? A DG 5  A K  102 1_555 ? ? ? ? ? ? ?           2.673 ? ? 
metalc5  metalc ? ? A DG 9  O6 ? ? ? 1_555 B K  .  K  ? ? A DG 9  A K  101 1_555 ? ? ? ? ? ? ?           2.936 ? ? 
metalc6  metalc ? ? A DG 10 O6 ? ? ? 1_555 B K  .  K  ? ? A DG 10 A K  101 1_555 ? ? ? ? ? ? ?           2.877 ? ? 
metalc7  metalc ? ? A DG 10 O6 ? ? ? 1_555 C K  .  K  ? ? A DG 10 A K  102 1_555 ? ? ? ? ? ? ?           3.001 ? ? 
metalc8  metalc ? ? A DG 11 O6 ? ? ? 1_555 C K  .  K  ? ? A DG 11 A K  102 1_555 ? ? ? ? ? ? ?           2.738 ? ? 
metalc9  metalc ? ? A DG 15 O6 ? ? ? 1_555 B K  .  K  ? ? A DG 15 A K  101 1_555 ? ? ? ? ? ? ?           2.703 ? ? 
metalc10 metalc ? ? A DG 16 O6 ? ? ? 1_555 B K  .  K  ? ? A DG 16 A K  101 1_555 ? ? ? ? ? ? ?           2.934 ? ? 
metalc11 metalc ? ? A DG 16 O6 ? ? ? 1_555 C K  .  K  ? ? A DG 16 A K  102 1_555 ? ? ? ? ? ? ?           2.796 ? ? 
metalc12 metalc ? ? A DG 17 O6 ? ? ? 1_555 C K  .  K  ? ? A DG 17 A K  102 1_555 ? ? ? ? ? ? ?           2.860 ? ? 
metalc13 metalc ? ? A DG 21 O6 ? ? ? 1_555 B K  .  K  ? ? A DG 21 A K  101 1_555 ? ? ? ? ? ? ?           2.806 ? ? 
metalc14 metalc ? ? A DG 22 O6 ? ? ? 1_555 B K  .  K  ? ? A DG 22 A K  101 1_555 ? ? ? ? ? ? ?           3.154 ? ? 
metalc15 metalc ? ? A DG 22 O6 ? ? ? 1_555 C K  .  K  ? ? A DG 22 A K  102 1_555 ? ? ? ? ? ? ?           2.776 ? ? 
metalc16 metalc ? ? A DG 23 O6 ? ? ? 1_555 C K  .  K  ? ? A DG 23 A K  102 1_555 ? ? ? ? ? ? ?           2.819 ? ? 
hydrog1  hydrog ? ? A DG 3  N1 ? ? ? 1_555 A DG 9  O6 ? ? A DG 3  A DG 9   1_555 ? ? ? ? ? ? TYPE_6_PAIR ?     ? ? 
hydrog2  hydrog ? ? A DG 3  N2 ? ? ? 1_555 A DG 9  N7 ? ? A DG 3  A DG 9   1_555 ? ? ? ? ? ? TYPE_6_PAIR ?     ? ? 
hydrog3  hydrog ? ? A DG 3  N7 ? ? ? 1_555 A DG 21 N2 ? ? A DG 3  A DG 21  1_555 ? ? ? ? ? ? TYPE_6_PAIR ?     ? ? 
hydrog4  hydrog ? ? A DG 3  O6 ? ? ? 1_555 A DG 21 N1 ? ? A DG 3  A DG 21  1_555 ? ? ? ? ? ? TYPE_6_PAIR ?     ? ? 
hydrog5  hydrog ? ? A DG 4  N1 ? ? ? 1_555 A DG 10 O6 ? ? A DG 4  A DG 10  1_555 ? ? ? ? ? ? TYPE_6_PAIR ?     ? ? 
hydrog6  hydrog ? ? A DG 4  N2 ? ? ? 1_555 A DG 10 N7 ? ? A DG 4  A DG 10  1_555 ? ? ? ? ? ? TYPE_6_PAIR ?     ? ? 
hydrog7  hydrog ? ? A DG 4  N7 ? ? ? 1_555 A DG 22 N2 ? ? A DG 4  A DG 22  1_555 ? ? ? ? ? ? TYPE_6_PAIR ?     ? ? 
hydrog8  hydrog ? ? A DG 4  O6 ? ? ? 1_555 A DG 22 N1 ? ? A DG 4  A DG 22  1_555 ? ? ? ? ? ? TYPE_6_PAIR ?     ? ? 
hydrog9  hydrog ? ? A DG 5  N1 ? ? ? 1_555 A DG 11 O6 ? ? A DG 5  A DG 11  1_555 ? ? ? ? ? ? TYPE_6_PAIR ?     ? ? 
hydrog10 hydrog ? ? A DG 5  N2 ? ? ? 1_555 A DG 11 N7 ? ? A DG 5  A DG 11  1_555 ? ? ? ? ? ? TYPE_6_PAIR ?     ? ? 
hydrog11 hydrog ? ? A DG 5  N7 ? ? ? 1_555 A DG 23 N2 ? ? A DG 5  A DG 23  1_555 ? ? ? ? ? ? TYPE_6_PAIR ?     ? ? 
hydrog12 hydrog ? ? A DG 5  O6 ? ? ? 1_555 A DG 23 N1 ? ? A DG 5  A DG 23  1_555 ? ? ? ? ? ? TYPE_6_PAIR ?     ? ? 
hydrog13 hydrog ? ? A DG 9  N1 ? ? ? 1_555 A DG 15 O6 ? ? A DG 9  A DG 15  1_555 ? ? ? ? ? ? TYPE_6_PAIR ?     ? ? 
hydrog14 hydrog ? ? A DG 9  N2 ? ? ? 1_555 A DG 15 N7 ? ? A DG 9  A DG 15  1_555 ? ? ? ? ? ? TYPE_6_PAIR ?     ? ? 
hydrog15 hydrog ? ? A DG 10 N1 ? ? ? 1_555 A DG 16 O6 ? ? A DG 10 A DG 16  1_555 ? ? ? ? ? ? TYPE_6_PAIR ?     ? ? 
hydrog16 hydrog ? ? A DG 10 N2 ? ? ? 1_555 A DG 16 N7 ? ? A DG 10 A DG 16  1_555 ? ? ? ? ? ? TYPE_6_PAIR ?     ? ? 
hydrog17 hydrog ? ? A DG 11 N1 ? ? ? 1_555 A DG 17 O6 ? ? A DG 11 A DG 17  1_555 ? ? ? ? ? ? TYPE_6_PAIR ?     ? ? 
hydrog18 hydrog ? ? A DG 11 N2 ? ? ? 1_555 A DG 17 N7 ? ? A DG 11 A DG 17  1_555 ? ? ? ? ? ? TYPE_6_PAIR ?     ? ? 
hydrog19 hydrog ? ? A DG 15 N1 ? ? ? 1_555 A DG 21 O6 ? ? A DG 15 A DG 21  1_555 ? ? ? ? ? ? TYPE_6_PAIR ?     ? ? 
hydrog20 hydrog ? ? A DG 15 N2 ? ? ? 1_555 A DG 21 N7 ? ? A DG 15 A DG 21  1_555 ? ? ? ? ? ? TYPE_6_PAIR ?     ? ? 
hydrog21 hydrog ? ? A DG 16 N1 ? ? ? 1_555 A DG 22 O6 ? ? A DG 16 A DG 22  1_555 ? ? ? ? ? ? TYPE_6_PAIR ?     ? ? 
hydrog22 hydrog ? ? A DG 16 N2 ? ? ? 1_555 A DG 22 N7 ? ? A DG 16 A DG 22  1_555 ? ? ? ? ? ? TYPE_6_PAIR ?     ? ? 
hydrog23 hydrog ? ? A DG 17 N1 ? ? ? 1_555 A DG 23 O6 ? ? A DG 17 A DG 23  1_555 ? ? ? ? ? ? TYPE_6_PAIR ?     ? ? 
hydrog24 hydrog ? ? A DG 17 N2 ? ? ? 1_555 A DG 23 N7 ? ? A DG 17 A DG 23  1_555 ? ? ? ? ? ? TYPE_6_PAIR ?     ? ? 
# 
loop_
_struct_conn_type.id 
_struct_conn_type.criteria 
_struct_conn_type.reference 
metalc ? ? 
hydrog ? ? 
# 
loop_
_pdbx_struct_conn_angle.id 
_pdbx_struct_conn_angle.ptnr1_label_atom_id 
_pdbx_struct_conn_angle.ptnr1_label_alt_id 
_pdbx_struct_conn_angle.ptnr1_label_asym_id 
_pdbx_struct_conn_angle.ptnr1_label_comp_id 
_pdbx_struct_conn_angle.ptnr1_label_seq_id 
_pdbx_struct_conn_angle.ptnr1_auth_atom_id 
_pdbx_struct_conn_angle.ptnr1_auth_asym_id 
_pdbx_struct_conn_angle.ptnr1_auth_comp_id 
_pdbx_struct_conn_angle.ptnr1_auth_seq_id 
_pdbx_struct_conn_angle.ptnr1_PDB_ins_code 
_pdbx_struct_conn_angle.ptnr1_symmetry 
_pdbx_struct_conn_angle.ptnr2_label_atom_id 
_pdbx_struct_conn_angle.ptnr2_label_alt_id 
_pdbx_struct_conn_angle.ptnr2_label_asym_id 
_pdbx_struct_conn_angle.ptnr2_label_comp_id 
_pdbx_struct_conn_angle.ptnr2_label_seq_id 
_pdbx_struct_conn_angle.ptnr2_auth_atom_id 
_pdbx_struct_conn_angle.ptnr2_auth_asym_id 
_pdbx_struct_conn_angle.ptnr2_auth_comp_id 
_pdbx_struct_conn_angle.ptnr2_auth_seq_id 
_pdbx_struct_conn_angle.ptnr2_PDB_ins_code 
_pdbx_struct_conn_angle.ptnr2_symmetry 
_pdbx_struct_conn_angle.ptnr3_label_atom_id 
_pdbx_struct_conn_angle.ptnr3_label_alt_id 
_pdbx_struct_conn_angle.ptnr3_label_asym_id 
_pdbx_struct_conn_angle.ptnr3_label_comp_id 
_pdbx_struct_conn_angle.ptnr3_label_seq_id 
_pdbx_struct_conn_angle.ptnr3_auth_atom_id 
_pdbx_struct_conn_angle.ptnr3_auth_asym_id 
_pdbx_struct_conn_angle.ptnr3_auth_comp_id 
_pdbx_struct_conn_angle.ptnr3_auth_seq_id 
_pdbx_struct_conn_angle.ptnr3_PDB_ins_code 
_pdbx_struct_conn_angle.ptnr3_symmetry 
_pdbx_struct_conn_angle.value 
_pdbx_struct_conn_angle.value_esd 
1  O6 ? A DG 3  ? A DG 3  ? 1_555 K ? B K . ? A K 101 ? 1_555 O6 ? A DG 4  ? A DG 4  ? 1_555 78.8  ? 
2  O6 ? A DG 3  ? A DG 3  ? 1_555 K ? B K . ? A K 101 ? 1_555 O6 ? A DG 9  ? A DG 9  ? 1_555 78.8  ? 
3  O6 ? A DG 4  ? A DG 4  ? 1_555 K ? B K . ? A K 101 ? 1_555 O6 ? A DG 9  ? A DG 9  ? 1_555 94.2  ? 
4  O6 ? A DG 3  ? A DG 3  ? 1_555 K ? B K . ? A K 101 ? 1_555 O6 ? A DG 10 ? A DG 10 ? 1_555 140.1 ? 
5  O6 ? A DG 4  ? A DG 4  ? 1_555 K ? B K . ? A K 101 ? 1_555 O6 ? A DG 10 ? A DG 10 ? 1_555 70.1  ? 
6  O6 ? A DG 9  ? A DG 9  ? 1_555 K ? B K . ? A K 101 ? 1_555 O6 ? A DG 10 ? A DG 10 ? 1_555 79.1  ? 
7  O6 ? A DG 3  ? A DG 3  ? 1_555 K ? B K . ? A K 101 ? 1_555 O6 ? A DG 15 ? A DG 15 ? 1_555 118.9 ? 
8  O6 ? A DG 4  ? A DG 4  ? 1_555 K ? B K . ? A K 101 ? 1_555 O6 ? A DG 15 ? A DG 15 ? 1_555 154.5 ? 
9  O6 ? A DG 9  ? A DG 9  ? 1_555 K ? B K . ? A K 101 ? 1_555 O6 ? A DG 15 ? A DG 15 ? 1_555 73.3  ? 
10 O6 ? A DG 10 ? A DG 10 ? 1_555 K ? B K . ? A K 101 ? 1_555 O6 ? A DG 15 ? A DG 15 ? 1_555 85.5  ? 
11 O6 ? A DG 3  ? A DG 3  ? 1_555 K ? B K . ? A K 101 ? 1_555 O6 ? A DG 16 ? A DG 16 ? 1_555 147.7 ? 
12 O6 ? A DG 4  ? A DG 4  ? 1_555 K ? B K . ? A K 101 ? 1_555 O6 ? A DG 16 ? A DG 16 ? 1_555 97.7  ? 
13 O6 ? A DG 9  ? A DG 9  ? 1_555 K ? B K . ? A K 101 ? 1_555 O6 ? A DG 16 ? A DG 16 ? 1_555 133.4 ? 
14 O6 ? A DG 10 ? A DG 10 ? 1_555 K ? B K . ? A K 101 ? 1_555 O6 ? A DG 16 ? A DG 16 ? 1_555 63.4  ? 
15 O6 ? A DG 15 ? A DG 15 ? 1_555 K ? B K . ? A K 101 ? 1_555 O6 ? A DG 16 ? A DG 16 ? 1_555 77.0  ? 
16 O6 ? A DG 3  ? A DG 3  ? 1_555 K ? B K . ? A K 101 ? 1_555 O6 ? A DG 21 ? A DG 21 ? 1_555 71.3  ? 
17 O6 ? A DG 4  ? A DG 4  ? 1_555 K ? B K . ? A K 101 ? 1_555 O6 ? A DG 21 ? A DG 21 ? 1_555 129.3 ? 
18 O6 ? A DG 9  ? A DG 9  ? 1_555 K ? B K . ? A K 101 ? 1_555 O6 ? A DG 21 ? A DG 21 ? 1_555 117.9 ? 
19 O6 ? A DG 10 ? A DG 10 ? 1_555 K ? B K . ? A K 101 ? 1_555 O6 ? A DG 21 ? A DG 21 ? 1_555 148.6 ? 
20 O6 ? A DG 15 ? A DG 15 ? 1_555 K ? B K . ? A K 101 ? 1_555 O6 ? A DG 21 ? A DG 21 ? 1_555 75.8  ? 
21 O6 ? A DG 16 ? A DG 16 ? 1_555 K ? B K . ? A K 101 ? 1_555 O6 ? A DG 21 ? A DG 21 ? 1_555 87.6  ? 
22 O6 ? A DG 3  ? A DG 3  ? 1_555 K ? B K . ? A K 101 ? 1_555 O6 ? A DG 22 ? A DG 22 ? 1_555 87.3  ? 
23 O6 ? A DG 4  ? A DG 4  ? 1_555 K ? B K . ? A K 101 ? 1_555 O6 ? A DG 22 ? A DG 22 ? 1_555 63.6  ? 
24 O6 ? A DG 9  ? A DG 9  ? 1_555 K ? B K . ? A K 101 ? 1_555 O6 ? A DG 22 ? A DG 22 ? 1_555 155.9 ? 
25 O6 ? A DG 10 ? A DG 10 ? 1_555 K ? B K . ? A K 101 ? 1_555 O6 ? A DG 22 ? A DG 22 ? 1_555 100.2 ? 
26 O6 ? A DG 15 ? A DG 15 ? 1_555 K ? B K . ? A K 101 ? 1_555 O6 ? A DG 22 ? A DG 22 ? 1_555 130.8 ? 
27 O6 ? A DG 16 ? A DG 16 ? 1_555 K ? B K . ? A K 101 ? 1_555 O6 ? A DG 22 ? A DG 22 ? 1_555 63.2  ? 
28 O6 ? A DG 21 ? A DG 21 ? 1_555 K ? B K . ? A K 101 ? 1_555 O6 ? A DG 22 ? A DG 22 ? 1_555 74.9  ? 
29 O6 ? A DG 4  ? A DG 4  ? 1_555 K ? C K . ? A K 102 ? 1_555 O6 ? A DG 5  ? A DG 5  ? 1_555 69.8  ? 
30 O6 ? A DG 4  ? A DG 4  ? 1_555 K ? C K . ? A K 102 ? 1_555 O6 ? A DG 10 ? A DG 10 ? 1_555 69.6  ? 
31 O6 ? A DG 5  ? A DG 5  ? 1_555 K ? C K . ? A K 102 ? 1_555 O6 ? A DG 10 ? A DG 10 ? 1_555 91.2  ? 
32 O6 ? A DG 4  ? A DG 4  ? 1_555 K ? C K . ? A K 102 ? 1_555 O6 ? A DG 11 ? A DG 11 ? 1_555 128.5 ? 
33 O6 ? A DG 5  ? A DG 5  ? 1_555 K ? C K . ? A K 102 ? 1_555 O6 ? A DG 11 ? A DG 11 ? 1_555 78.2  ? 
34 O6 ? A DG 10 ? A DG 10 ? 1_555 K ? C K . ? A K 102 ? 1_555 O6 ? A DG 11 ? A DG 11 ? 1_555 72.0  ? 
35 O6 ? A DG 4  ? A DG 4  ? 1_555 K ? C K . ? A K 102 ? 1_555 O6 ? A DG 16 ? A DG 16 ? 1_555 103.2 ? 
36 O6 ? A DG 5  ? A DG 5  ? 1_555 K ? C K . ? A K 102 ? 1_555 O6 ? A DG 16 ? A DG 16 ? 1_555 154.2 ? 
37 O6 ? A DG 10 ? A DG 10 ? 1_555 K ? C K . ? A K 102 ? 1_555 O6 ? A DG 16 ? A DG 16 ? 1_555 63.5  ? 
38 O6 ? A DG 11 ? A DG 11 ? 1_555 K ? C K . ? A K 102 ? 1_555 O6 ? A DG 16 ? A DG 16 ? 1_555 88.7  ? 
39 O6 ? A DG 4  ? A DG 4  ? 1_555 K ? C K . ? A K 102 ? 1_555 O6 ? A DG 17 ? A DG 17 ? 1_555 156.0 ? 
40 O6 ? A DG 5  ? A DG 5  ? 1_555 K ? C K . ? A K 102 ? 1_555 O6 ? A DG 17 ? A DG 17 ? 1_555 121.4 ? 
41 O6 ? A DG 10 ? A DG 10 ? 1_555 K ? C K . ? A K 102 ? 1_555 O6 ? A DG 17 ? A DG 17 ? 1_555 127.2 ? 
42 O6 ? A DG 11 ? A DG 11 ? 1_555 K ? C K . ? A K 102 ? 1_555 O6 ? A DG 17 ? A DG 17 ? 1_555 75.5  ? 
43 O6 ? A DG 16 ? A DG 16 ? 1_555 K ? C K . ? A K 102 ? 1_555 O6 ? A DG 17 ? A DG 17 ? 1_555 75.4  ? 
44 O6 ? A DG 4  ? A DG 4  ? 1_555 K ? C K . ? A K 102 ? 1_555 O6 ? A DG 22 ? A DG 22 ? 1_555 69.8  ? 
45 O6 ? A DG 5  ? A DG 5  ? 1_555 K ? C K . ? A K 102 ? 1_555 O6 ? A DG 22 ? A DG 22 ? 1_555 126.0 ? 
46 O6 ? A DG 10 ? A DG 10 ? 1_555 K ? C K . ? A K 102 ? 1_555 O6 ? A DG 22 ? A DG 22 ? 1_555 106.5 ? 
47 O6 ? A DG 11 ? A DG 11 ? 1_555 K ? C K . ? A K 102 ? 1_555 O6 ? A DG 22 ? A DG 22 ? 1_555 155.7 ? 
48 O6 ? A DG 16 ? A DG 16 ? 1_555 K ? C K . ? A K 102 ? 1_555 O6 ? A DG 22 ? A DG 22 ? 1_555 70.0  ? 
49 O6 ? A DG 17 ? A DG 17 ? 1_555 K ? C K . ? A K 102 ? 1_555 O6 ? A DG 22 ? A DG 22 ? 1_555 87.7  ? 
50 O6 ? A DG 4  ? A DG 4  ? 1_555 K ? C K . ? A K 102 ? 1_555 O6 ? A DG 23 ? A DG 23 ? 1_555 96.0  ? 
51 O6 ? A DG 5  ? A DG 5  ? 1_555 K ? C K . ? A K 102 ? 1_555 O6 ? A DG 23 ? A DG 23 ? 1_555 76.5  ? 
52 O6 ? A DG 10 ? A DG 10 ? 1_555 K ? C K . ? A K 102 ? 1_555 O6 ? A DG 23 ? A DG 23 ? 1_555 163.8 ? 
53 O6 ? A DG 11 ? A DG 11 ? 1_555 K ? C K . ? A K 102 ? 1_555 O6 ? A DG 23 ? A DG 23 ? 1_555 114.7 ? 
54 O6 ? A DG 16 ? A DG 16 ? 1_555 K ? C K . ? A K 102 ? 1_555 O6 ? A DG 23 ? A DG 23 ? 1_555 129.3 ? 
55 O6 ? A DG 17 ? A DG 17 ? 1_555 K ? C K . ? A K 102 ? 1_555 O6 ? A DG 23 ? A DG 23 ? 1_555 68.9  ? 
56 O6 ? A DG 22 ? A DG 22 ? 1_555 K ? C K . ? A K 102 ? 1_555 O6 ? A DG 23 ? A DG 23 ? 1_555 73.7  ? 
# 
loop_
_struct_site.id 
_struct_site.pdbx_evidence_code 
_struct_site.pdbx_auth_asym_id 
_struct_site.pdbx_auth_comp_id 
_struct_site.pdbx_auth_seq_id 
_struct_site.pdbx_auth_ins_code 
_struct_site.pdbx_num_residues 
_struct_site.details 
AC1 Software A K   101 ? 9 'binding site for residue K A 101'   
AC2 Software A K   102 ? 9 'binding site for residue K A 102'   
AC3 Software A 51O 103 ? 9 'binding site for residue 51O A 103' 
AC4 Software A 51O 104 ? 9 'binding site for residue 51O A 104' 
AC5 Software A 51O 105 ? 8 'binding site for residue 51O A 105' 
# 
loop_
_struct_site_gen.id 
_struct_site_gen.site_id 
_struct_site_gen.pdbx_num_res 
_struct_site_gen.label_comp_id 
_struct_site_gen.label_asym_id 
_struct_site_gen.label_seq_id 
_struct_site_gen.pdbx_auth_ins_code 
_struct_site_gen.auth_comp_id 
_struct_site_gen.auth_asym_id 
_struct_site_gen.auth_seq_id 
_struct_site_gen.label_atom_id 
_struct_site_gen.label_alt_id 
_struct_site_gen.symmetry 
_struct_site_gen.details 
1  AC1 9 DG  A 3  ? DG  A 3   . ? 1_555 ? 
2  AC1 9 DG  A 4  ? DG  A 4   . ? 1_555 ? 
3  AC1 9 DG  A 9  ? DG  A 9   . ? 1_555 ? 
4  AC1 9 DG  A 10 ? DG  A 10  . ? 1_555 ? 
5  AC1 9 DG  A 15 ? DG  A 15  . ? 1_555 ? 
6  AC1 9 DG  A 16 ? DG  A 16  . ? 1_555 ? 
7  AC1 9 DG  A 21 ? DG  A 21  . ? 1_555 ? 
8  AC1 9 DG  A 22 ? DG  A 22  . ? 1_555 ? 
9  AC1 9 K   C .  ? K   A 102 . ? 1_555 ? 
10 AC2 9 DG  A 4  ? DG  A 4   . ? 1_555 ? 
11 AC2 9 DG  A 5  ? DG  A 5   . ? 1_555 ? 
12 AC2 9 DG  A 10 ? DG  A 10  . ? 1_555 ? 
13 AC2 9 DG  A 11 ? DG  A 11  . ? 1_555 ? 
14 AC2 9 DG  A 16 ? DG  A 16  . ? 1_555 ? 
15 AC2 9 DG  A 17 ? DG  A 17  . ? 1_555 ? 
16 AC2 9 DG  A 22 ? DG  A 22  . ? 1_555 ? 
17 AC2 9 DG  A 23 ? DG  A 23  . ? 1_555 ? 
18 AC2 9 K   B .  ? K   A 101 . ? 1_555 ? 
19 AC3 9 DG  A 5  ? DG  A 5   . ? 8_554 ? 
20 AC3 9 DG  A 5  ? DG  A 5   . ? 1_555 ? 
21 AC3 9 DG  A 11 ? DG  A 11  . ? 1_555 ? 
22 AC3 9 DG  A 11 ? DG  A 11  . ? 8_554 ? 
23 AC3 9 DG  A 17 ? DG  A 17  . ? 1_555 ? 
24 AC3 9 DG  A 17 ? DG  A 17  . ? 8_554 ? 
25 AC3 9 DG  A 23 ? DG  A 23  . ? 1_555 ? 
26 AC3 9 HOH G .  ? HOH A 211 . ? 1_555 ? 
27 AC3 9 HOH G .  ? HOH A 221 . ? 1_555 ? 
28 AC4 9 DG  A 9  ? DG  A 9   . ? 1_555 ? 
29 AC4 9 DG  A 15 ? DG  A 15  . ? 1_555 ? 
30 AC4 9 DG  A 15 ? DG  A 15  . ? 6_555 ? 
31 AC4 9 DA  A 20 ? DA  A 20  . ? 1_555 ? 
32 AC4 9 DA  A 20 ? DA  A 20  . ? 6_555 ? 
33 AC4 9 DG  A 21 ? DG  A 21  . ? 1_555 ? 
34 AC4 9 DG  A 21 ? DG  A 21  . ? 6_555 ? 
35 AC4 9 51O F .  ? 51O A 105 . ? 6_555 ? 
36 AC4 9 51O F .  ? 51O A 105 . ? 1_555 ? 
37 AC5 8 DG  A 3  ? DG  A 3   . ? 6_555 ? 
38 AC5 8 DG  A 3  ? DG  A 3   . ? 1_555 ? 
39 AC5 8 DA  A 8  ? DA  A 8   . ? 6_555 ? 
40 AC5 8 DA  A 8  ? DA  A 8   . ? 1_555 ? 
41 AC5 8 DG  A 9  ? DG  A 9   . ? 1_555 ? 
42 AC5 8 DG  A 9  ? DG  A 9   . ? 6_555 ? 
43 AC5 8 51O E .  ? 51O A 104 . ? 6_555 ? 
44 AC5 8 51O E .  ? 51O A 104 . ? 1_555 ? 
# 
loop_
_pdbx_struct_special_symmetry.id 
_pdbx_struct_special_symmetry.PDB_model_num 
_pdbx_struct_special_symmetry.auth_asym_id 
_pdbx_struct_special_symmetry.auth_comp_id 
_pdbx_struct_special_symmetry.auth_seq_id 
_pdbx_struct_special_symmetry.PDB_ins_code 
_pdbx_struct_special_symmetry.label_asym_id 
_pdbx_struct_special_symmetry.label_comp_id 
_pdbx_struct_special_symmetry.label_seq_id 
1 1 A 51O 103 ? D 51O . 
2 1 A HOH 213 ? G HOH . 
# 
_pdbx_phasing_MR.entry_id                     5CCW 
_pdbx_phasing_MR.method_rotation              ? 
_pdbx_phasing_MR.method_translation           ? 
_pdbx_phasing_MR.model_details                'Phaser MODE: MR_AUTO' 
_pdbx_phasing_MR.R_factor                     ? 
_pdbx_phasing_MR.R_rigid_body                 ? 
_pdbx_phasing_MR.correlation_coeff_Fo_to_Fc   ? 
_pdbx_phasing_MR.correlation_coeff_Io_to_Ic   ? 
_pdbx_phasing_MR.d_res_high_rotation          2.000 
_pdbx_phasing_MR.d_res_low_rotation           36.730 
_pdbx_phasing_MR.d_res_high_translation       2.000 
_pdbx_phasing_MR.d_res_low_translation        36.730 
_pdbx_phasing_MR.packing                      ? 
_pdbx_phasing_MR.reflns_percent_rotation      ? 
_pdbx_phasing_MR.reflns_percent_translation   ? 
_pdbx_phasing_MR.sigma_F_rotation             ? 
_pdbx_phasing_MR.sigma_F_translation          ? 
_pdbx_phasing_MR.sigma_I_rotation             ? 
_pdbx_phasing_MR.sigma_I_translation          ? 
# 
_phasing.method   MR 
# 
loop_
_pdbx_unobs_or_zero_occ_residues.id 
_pdbx_unobs_or_zero_occ_residues.PDB_model_num 
_pdbx_unobs_or_zero_occ_residues.polymer_flag 
_pdbx_unobs_or_zero_occ_residues.occupancy_flag 
_pdbx_unobs_or_zero_occ_residues.auth_asym_id 
_pdbx_unobs_or_zero_occ_residues.auth_comp_id 
_pdbx_unobs_or_zero_occ_residues.auth_seq_id 
_pdbx_unobs_or_zero_occ_residues.PDB_ins_code 
_pdbx_unobs_or_zero_occ_residues.label_asym_id 
_pdbx_unobs_or_zero_occ_residues.label_comp_id 
_pdbx_unobs_or_zero_occ_residues.label_seq_id 
1 1 Y 1 A DT 13 ? A DT 13 
2 1 Y 1 A DA 14 ? A DA 14 
# 
loop_
_chem_comp_atom.comp_id 
_chem_comp_atom.atom_id 
_chem_comp_atom.type_symbol 
_chem_comp_atom.pdbx_aromatic_flag 
_chem_comp_atom.pdbx_stereo_config 
_chem_comp_atom.pdbx_ordinal 
51O O4     O  N N 1   
51O C15    C  N N 2   
51O N7     N  N N 3   
51O C17    C  N N 4   
51O C16    C  N N 5   
51O O3     O  N N 6   
51O C13    C  Y N 7   
51O N5     N  Y N 8   
51O C11    C  N N 9   
51O N8     N  N N 10  
51O C18    C  N N 11  
51O C14    C  Y N 12  
51O N6     N  Y N 13  
51O C12    C  N N 14  
51O C10    C  Y N 15  
51O AU     AU N N 16  
51O C1     C  Y N 17  
51O N2     N  Y N 18  
51O C5     C  Y N 19  
51O C3     C  N N 20  
51O N1     N  Y N 21  
51O C2     C  N N 22  
51O C4     C  Y N 23  
51O N4     N  N N 24  
51O C8     C  N N 25  
51O C7     C  N N 26  
51O O2     O  N N 27  
51O N3     N  N N 28  
51O C9     C  N N 29  
51O C6     C  N N 30  
51O O1     O  N N 31  
51O H1     H  N N 32  
51O H2     H  N N 33  
51O H3     H  N N 34  
51O H4     H  N N 35  
51O H5     H  N N 36  
51O H6     H  N N 37  
51O H7     H  N N 38  
51O H8     H  N N 39  
51O H9     H  N N 40  
51O H10    H  N N 41  
51O H11    H  N N 42  
51O H12    H  N N 43  
51O H13    H  N N 44  
51O H14    H  N N 45  
51O H15    H  N N 46  
51O H16    H  N N 47  
51O H17    H  N N 48  
51O H18    H  N N 49  
51O H19    H  N N 50  
51O H20    H  N N 51  
51O H21    H  N N 52  
51O H22    H  N N 53  
51O H23    H  N N 54  
51O H24    H  N N 55  
DA  OP3    O  N N 56  
DA  P      P  N N 57  
DA  OP1    O  N N 58  
DA  OP2    O  N N 59  
DA  "O5'"  O  N N 60  
DA  "C5'"  C  N N 61  
DA  "C4'"  C  N R 62  
DA  "O4'"  O  N N 63  
DA  "C3'"  C  N S 64  
DA  "O3'"  O  N N 65  
DA  "C2'"  C  N N 66  
DA  "C1'"  C  N R 67  
DA  N9     N  Y N 68  
DA  C8     C  Y N 69  
DA  N7     N  Y N 70  
DA  C5     C  Y N 71  
DA  C6     C  Y N 72  
DA  N6     N  N N 73  
DA  N1     N  Y N 74  
DA  C2     C  Y N 75  
DA  N3     N  Y N 76  
DA  C4     C  Y N 77  
DA  HOP3   H  N N 78  
DA  HOP2   H  N N 79  
DA  "H5'"  H  N N 80  
DA  "H5''" H  N N 81  
DA  "H4'"  H  N N 82  
DA  "H3'"  H  N N 83  
DA  "HO3'" H  N N 84  
DA  "H2'"  H  N N 85  
DA  "H2''" H  N N 86  
DA  "H1'"  H  N N 87  
DA  H8     H  N N 88  
DA  H61    H  N N 89  
DA  H62    H  N N 90  
DA  H2     H  N N 91  
DG  OP3    O  N N 92  
DG  P      P  N N 93  
DG  OP1    O  N N 94  
DG  OP2    O  N N 95  
DG  "O5'"  O  N N 96  
DG  "C5'"  C  N N 97  
DG  "C4'"  C  N R 98  
DG  "O4'"  O  N N 99  
DG  "C3'"  C  N S 100 
DG  "O3'"  O  N N 101 
DG  "C2'"  C  N N 102 
DG  "C1'"  C  N R 103 
DG  N9     N  Y N 104 
DG  C8     C  Y N 105 
DG  N7     N  Y N 106 
DG  C5     C  Y N 107 
DG  C6     C  N N 108 
DG  O6     O  N N 109 
DG  N1     N  N N 110 
DG  C2     C  N N 111 
DG  N2     N  N N 112 
DG  N3     N  N N 113 
DG  C4     C  Y N 114 
DG  HOP3   H  N N 115 
DG  HOP2   H  N N 116 
DG  "H5'"  H  N N 117 
DG  "H5''" H  N N 118 
DG  "H4'"  H  N N 119 
DG  "H3'"  H  N N 120 
DG  "HO3'" H  N N 121 
DG  "H2'"  H  N N 122 
DG  "H2''" H  N N 123 
DG  "H1'"  H  N N 124 
DG  H8     H  N N 125 
DG  H1     H  N N 126 
DG  H21    H  N N 127 
DG  H22    H  N N 128 
DT  OP3    O  N N 129 
DT  P      P  N N 130 
DT  OP1    O  N N 131 
DT  OP2    O  N N 132 
DT  "O5'"  O  N N 133 
DT  "C5'"  C  N N 134 
DT  "C4'"  C  N R 135 
DT  "O4'"  O  N N 136 
DT  "C3'"  C  N S 137 
DT  "O3'"  O  N N 138 
DT  "C2'"  C  N N 139 
DT  "C1'"  C  N R 140 
DT  N1     N  N N 141 
DT  C2     C  N N 142 
DT  O2     O  N N 143 
DT  N3     N  N N 144 
DT  C4     C  N N 145 
DT  O4     O  N N 146 
DT  C5     C  N N 147 
DT  C7     C  N N 148 
DT  C6     C  N N 149 
DT  HOP3   H  N N 150 
DT  HOP2   H  N N 151 
DT  "H5'"  H  N N 152 
DT  "H5''" H  N N 153 
DT  "H4'"  H  N N 154 
DT  "H3'"  H  N N 155 
DT  "HO3'" H  N N 156 
DT  "H2'"  H  N N 157 
DT  "H2''" H  N N 158 
DT  "H1'"  H  N N 159 
DT  H3     H  N N 160 
DT  H71    H  N N 161 
DT  H72    H  N N 162 
DT  H73    H  N N 163 
DT  H6     H  N N 164 
HOH O      O  N N 165 
HOH H1     H  N N 166 
HOH H2     H  N N 167 
K   K      K  N N 168 
# 
loop_
_chem_comp_bond.comp_id 
_chem_comp_bond.atom_id_1 
_chem_comp_bond.atom_id_2 
_chem_comp_bond.value_order 
_chem_comp_bond.pdbx_aromatic_flag 
_chem_comp_bond.pdbx_stereo_config 
_chem_comp_bond.pdbx_ordinal 
51O C17   N7     sing N N 1   
51O O4    C15    doub N N 2   
51O N7    C15    sing N N 3   
51O N7    C16    sing N N 4   
51O C15   N8     sing N N 5   
51O O3    C16    doub N N 6   
51O C16   C13    sing N N 7   
51O C18   N8     sing N N 8   
51O N8    C14    sing N N 9   
51O C13   C14    doub Y N 10  
51O C13   N5     sing Y N 11  
51O C14   N6     sing Y N 12  
51O N5    C11    sing N N 13  
51O N5    C10    sing Y N 14  
51O N6    C12    sing N N 15  
51O N6    C10    doub Y N 16  
51O C10   AU     sing N N 17  
51O AU    C1     sing N N 18  
51O C1    N2     sing Y N 19  
51O C1    N1     doub Y N 20  
51O C3    N2     sing N N 21  
51O N2    C5     sing Y N 22  
51O C2    N1     sing N N 23  
51O N1    C4     sing Y N 24  
51O C5    C4     doub Y N 25  
51O C5    C6     sing N N 26  
51O C4    N4     sing N N 27  
51O O1    C6     doub N N 28  
51O C6    N3     sing N N 29  
51O N4    C8     sing N N 30  
51O N4    C7     sing N N 31  
51O N3    C7     sing N N 32  
51O N3    C9     sing N N 33  
51O C7    O2     doub N N 34  
51O C17   H1     sing N N 35  
51O C17   H2     sing N N 36  
51O C17   H3     sing N N 37  
51O C11   H4     sing N N 38  
51O C11   H5     sing N N 39  
51O C11   H6     sing N N 40  
51O C18   H7     sing N N 41  
51O C18   H8     sing N N 42  
51O C18   H9     sing N N 43  
51O C12   H10    sing N N 44  
51O C12   H11    sing N N 45  
51O C12   H12    sing N N 46  
51O C3    H13    sing N N 47  
51O C3    H14    sing N N 48  
51O C3    H15    sing N N 49  
51O C2    H16    sing N N 50  
51O C2    H17    sing N N 51  
51O C2    H18    sing N N 52  
51O C8    H19    sing N N 53  
51O C8    H20    sing N N 54  
51O C8    H21    sing N N 55  
51O C9    H22    sing N N 56  
51O C9    H23    sing N N 57  
51O C9    H24    sing N N 58  
DA  OP3   P      sing N N 59  
DA  OP3   HOP3   sing N N 60  
DA  P     OP1    doub N N 61  
DA  P     OP2    sing N N 62  
DA  P     "O5'"  sing N N 63  
DA  OP2   HOP2   sing N N 64  
DA  "O5'" "C5'"  sing N N 65  
DA  "C5'" "C4'"  sing N N 66  
DA  "C5'" "H5'"  sing N N 67  
DA  "C5'" "H5''" sing N N 68  
DA  "C4'" "O4'"  sing N N 69  
DA  "C4'" "C3'"  sing N N 70  
DA  "C4'" "H4'"  sing N N 71  
DA  "O4'" "C1'"  sing N N 72  
DA  "C3'" "O3'"  sing N N 73  
DA  "C3'" "C2'"  sing N N 74  
DA  "C3'" "H3'"  sing N N 75  
DA  "O3'" "HO3'" sing N N 76  
DA  "C2'" "C1'"  sing N N 77  
DA  "C2'" "H2'"  sing N N 78  
DA  "C2'" "H2''" sing N N 79  
DA  "C1'" N9     sing N N 80  
DA  "C1'" "H1'"  sing N N 81  
DA  N9    C8     sing Y N 82  
DA  N9    C4     sing Y N 83  
DA  C8    N7     doub Y N 84  
DA  C8    H8     sing N N 85  
DA  N7    C5     sing Y N 86  
DA  C5    C6     sing Y N 87  
DA  C5    C4     doub Y N 88  
DA  C6    N6     sing N N 89  
DA  C6    N1     doub Y N 90  
DA  N6    H61    sing N N 91  
DA  N6    H62    sing N N 92  
DA  N1    C2     sing Y N 93  
DA  C2    N3     doub Y N 94  
DA  C2    H2     sing N N 95  
DA  N3    C4     sing Y N 96  
DG  OP3   P      sing N N 97  
DG  OP3   HOP3   sing N N 98  
DG  P     OP1    doub N N 99  
DG  P     OP2    sing N N 100 
DG  P     "O5'"  sing N N 101 
DG  OP2   HOP2   sing N N 102 
DG  "O5'" "C5'"  sing N N 103 
DG  "C5'" "C4'"  sing N N 104 
DG  "C5'" "H5'"  sing N N 105 
DG  "C5'" "H5''" sing N N 106 
DG  "C4'" "O4'"  sing N N 107 
DG  "C4'" "C3'"  sing N N 108 
DG  "C4'" "H4'"  sing N N 109 
DG  "O4'" "C1'"  sing N N 110 
DG  "C3'" "O3'"  sing N N 111 
DG  "C3'" "C2'"  sing N N 112 
DG  "C3'" "H3'"  sing N N 113 
DG  "O3'" "HO3'" sing N N 114 
DG  "C2'" "C1'"  sing N N 115 
DG  "C2'" "H2'"  sing N N 116 
DG  "C2'" "H2''" sing N N 117 
DG  "C1'" N9     sing N N 118 
DG  "C1'" "H1'"  sing N N 119 
DG  N9    C8     sing Y N 120 
DG  N9    C4     sing Y N 121 
DG  C8    N7     doub Y N 122 
DG  C8    H8     sing N N 123 
DG  N7    C5     sing Y N 124 
DG  C5    C6     sing N N 125 
DG  C5    C4     doub Y N 126 
DG  C6    O6     doub N N 127 
DG  C6    N1     sing N N 128 
DG  N1    C2     sing N N 129 
DG  N1    H1     sing N N 130 
DG  C2    N2     sing N N 131 
DG  C2    N3     doub N N 132 
DG  N2    H21    sing N N 133 
DG  N2    H22    sing N N 134 
DG  N3    C4     sing N N 135 
DT  OP3   P      sing N N 136 
DT  OP3   HOP3   sing N N 137 
DT  P     OP1    doub N N 138 
DT  P     OP2    sing N N 139 
DT  P     "O5'"  sing N N 140 
DT  OP2   HOP2   sing N N 141 
DT  "O5'" "C5'"  sing N N 142 
DT  "C5'" "C4'"  sing N N 143 
DT  "C5'" "H5'"  sing N N 144 
DT  "C5'" "H5''" sing N N 145 
DT  "C4'" "O4'"  sing N N 146 
DT  "C4'" "C3'"  sing N N 147 
DT  "C4'" "H4'"  sing N N 148 
DT  "O4'" "C1'"  sing N N 149 
DT  "C3'" "O3'"  sing N N 150 
DT  "C3'" "C2'"  sing N N 151 
DT  "C3'" "H3'"  sing N N 152 
DT  "O3'" "HO3'" sing N N 153 
DT  "C2'" "C1'"  sing N N 154 
DT  "C2'" "H2'"  sing N N 155 
DT  "C2'" "H2''" sing N N 156 
DT  "C1'" N1     sing N N 157 
DT  "C1'" "H1'"  sing N N 158 
DT  N1    C2     sing N N 159 
DT  N1    C6     sing N N 160 
DT  C2    O2     doub N N 161 
DT  C2    N3     sing N N 162 
DT  N3    C4     sing N N 163 
DT  N3    H3     sing N N 164 
DT  C4    O4     doub N N 165 
DT  C4    C5     sing N N 166 
DT  C5    C7     sing N N 167 
DT  C5    C6     doub N N 168 
DT  C7    H71    sing N N 169 
DT  C7    H72    sing N N 170 
DT  C7    H73    sing N N 171 
DT  C6    H6     sing N N 172 
HOH O     H1     sing N N 173 
HOH O     H2     sing N N 174 
# 
_ndb_struct_conf_na.entry_id   5CCW 
_ndb_struct_conf_na.feature    'quadruple helix' 
# 
_pdbx_initial_refinement_model.id               1 
_pdbx_initial_refinement_model.entity_id_list   ? 
_pdbx_initial_refinement_model.type             'experimental model' 
_pdbx_initial_refinement_model.source_name      PDB 
_pdbx_initial_refinement_model.accession_code   3R6R 
_pdbx_initial_refinement_model.details          ? 
# 
_atom_sites.entry_id                    5CCW 
_atom_sites.fract_transf_matrix[1][1]   -0.01247183 
_atom_sites.fract_transf_matrix[1][2]   -0.00883004 
_atom_sites.fract_transf_matrix[1][3]   -0.01472030 
_atom_sites.fract_transf_matrix[2][1]   -0.01577454 
_atom_sites.fract_transf_matrix[2][2]   0.00578499 
_atom_sites.fract_transf_matrix[2][3]   0.00989488 
_atom_sites.fract_transf_matrix[3][1]   -0.00009112 
_atom_sites.fract_transf_matrix[3][2]   0.01462577 
_atom_sites.fract_transf_matrix[3][3]   -0.00869614 
_atom_sites.fract_transf_vector[1]      -0.006378 
_atom_sites.fract_transf_vector[2]      0.128412 
_atom_sites.fract_transf_vector[3]      -0.220420 
# 
loop_
_atom_type.symbol 
AU 
C  
K  
N  
O  
P  
# 
loop_
_atom_site.group_PDB 
_atom_site.id 
_atom_site.type_symbol 
_atom_site.label_atom_id 
_atom_site.label_alt_id 
_atom_site.label_comp_id 
_atom_site.label_asym_id 
_atom_site.label_entity_id 
_atom_site.label_seq_id 
_atom_site.pdbx_PDB_ins_code 
_atom_site.Cartn_x 
_atom_site.Cartn_y 
_atom_site.Cartn_z 
_atom_site.occupancy 
_atom_site.B_iso_or_equiv 
_atom_site.pdbx_formal_charge 
_atom_site.auth_seq_id 
_atom_site.auth_comp_id 
_atom_site.auth_asym_id 
_atom_site.auth_atom_id 
_atom_site.pdbx_PDB_model_num 
ATOM   1   O  "O5'" . DT  A 1 1  ? -8.415  1.983   -18.848 1.00 94.55  ? 1   DT  A "O5'" 1 
ATOM   2   C  "C5'" . DT  A 1 1  ? -8.138  1.945   -17.433 1.00 97.91  ? 1   DT  A "C5'" 1 
ATOM   3   C  "C4'" . DT  A 1 1  ? -7.710  0.555   -17.020 1.00 95.47  ? 1   DT  A "C4'" 1 
ATOM   4   O  "O4'" . DT  A 1 1  ? -6.395  0.273   -17.545 1.00 93.49  ? 1   DT  A "O4'" 1 
ATOM   5   C  "C3'" . DT  A 1 1  ? -7.614  0.328   -15.509 1.00 97.67  ? 1   DT  A "C3'" 1 
ATOM   6   O  "O3'" . DT  A 1 1  ? -8.708  -0.476  -15.046 1.00 103.13 ? 1   DT  A "O3'" 1 
ATOM   7   C  "C2'" . DT  A 1 1  ? -6.292  -0.406  -15.311 1.00 93.89  ? 1   DT  A "C2'" 1 
ATOM   8   C  "C1'" . DT  A 1 1  ? -5.787  -0.695  -16.716 1.00 89.53  ? 1   DT  A "C1'" 1 
ATOM   9   P  P     . DA  A 1 2  ? -9.733  0.087   -13.934 1.00 108.35 ? 2   DA  A P     1 
ATOM   10  O  OP1   . DA  A 1 2  ? -10.626 -1.025  -13.525 1.00 113.60 ? 2   DA  A OP1   1 
ATOM   11  O  OP2   . DA  A 1 2  ? -10.314 1.365   -14.429 1.00 104.79 ? 2   DA  A OP2   1 
ATOM   12  O  "O5'" . DA  A 1 2  ? -8.793  0.399   -12.691 1.00 102.71 ? 2   DA  A "O5'" 1 
ATOM   13  C  "C5'" . DA  A 1 2  ? -8.796  1.704   -12.103 1.00 97.03  ? 2   DA  A "C5'" 1 
ATOM   14  C  "C4'" . DA  A 1 2  ? -7.416  2.026   -11.584 1.00 94.49  ? 2   DA  A "C4'" 1 
ATOM   15  O  "O4'" . DA  A 1 2  ? -6.402  1.561   -12.495 1.00 94.68  ? 2   DA  A "O4'" 1 
ATOM   16  C  "C3'" . DA  A 1 2  ? -7.142  3.519   -11.393 1.00 94.24  ? 2   DA  A "C3'" 1 
ATOM   17  O  "O3'" . DA  A 1 2  ? -7.200  3.887   -10.009 1.00 92.07  ? 2   DA  A "O3'" 1 
ATOM   18  C  "C2'" . DA  A 1 2  ? -5.769  3.743   -12.017 1.00 94.71  ? 2   DA  A "C2'" 1 
ATOM   19  C  "C1'" . DA  A 1 2  ? -5.251  2.331   -12.226 1.00 93.16  ? 2   DA  A "C1'" 1 
ATOM   20  N  N9    . DA  A 1 2  ? -4.296  2.121   -13.316 1.00 93.86  ? 2   DA  A N9    1 
ATOM   21  C  C8    . DA  A 1 2  ? -3.148  1.366   -13.259 1.00 94.94  ? 2   DA  A C8    1 
ATOM   22  N  N7    . DA  A 1 2  ? -2.481  1.332   -14.387 1.00 88.18  ? 2   DA  A N7    1 
ATOM   23  C  C5    . DA  A 1 2  ? -3.243  2.109   -15.248 1.00 88.32  ? 2   DA  A C5    1 
ATOM   24  C  C6    . DA  A 1 2  ? -3.077  2.464   -16.597 1.00 82.91  ? 2   DA  A C6    1 
ATOM   25  N  N6    . DA  A 1 2  ? -2.044  2.068   -17.345 1.00 80.10  ? 2   DA  A N6    1 
ATOM   26  N  N1    . DA  A 1 2  ? -4.019  3.254   -17.158 1.00 79.46  ? 2   DA  A N1    1 
ATOM   27  C  C2    . DA  A 1 2  ? -5.054  3.653   -16.407 1.00 80.15  ? 2   DA  A C2    1 
ATOM   28  N  N3    . DA  A 1 2  ? -5.320  3.385   -15.130 1.00 83.44  ? 2   DA  A N3    1 
ATOM   29  C  C4    . DA  A 1 2  ? -4.365  2.600   -14.601 1.00 89.41  ? 2   DA  A C4    1 
ATOM   30  P  P     . DG  A 1 3  ? -6.917  2.822   -8.810  1.00 92.11  ? 3   DG  A P     1 
ATOM   31  O  OP1   . DG  A 1 3  ? -5.592  2.183   -9.019  1.00 84.62  ? 3   DG  A OP1   1 
ATOM   32  O  OP2   . DG  A 1 3  ? -8.134  1.978   -8.623  1.00 91.01  ? 3   DG  A OP2   1 
ATOM   33  O  "O5'" . DG  A 1 3  ? -6.688  3.807   -7.582  1.00 78.35  ? 3   DG  A "O5'" 1 
ATOM   34  C  "C5'" . DG  A 1 3  ? -6.439  5.203   -7.854  1.00 61.51  ? 3   DG  A "C5'" 1 
ATOM   35  C  "C4'" . DG  A 1 3  ? -5.291  5.690   -7.009  1.00 51.48  ? 3   DG  A "C4'" 1 
ATOM   36  O  "O4'" . DG  A 1 3  ? -5.489  5.147   -5.692  1.00 45.05  ? 3   DG  A "O4'" 1 
ATOM   37  C  "C3'" . DG  A 1 3  ? -3.925  5.157   -7.431  1.00 50.75  ? 3   DG  A "C3'" 1 
ATOM   38  O  "O3'" . DG  A 1 3  ? -3.175  5.910   -8.399  1.00 60.26  ? 3   DG  A "O3'" 1 
ATOM   39  C  "C2'" . DG  A 1 3  ? -3.167  5.066   -6.126  1.00 44.53  ? 3   DG  A "C2'" 1 
ATOM   40  C  "C1'" . DG  A 1 3  ? -4.235  5.132   -5.049  1.00 39.35  ? 3   DG  A "C1'" 1 
ATOM   41  N  N9    . DG  A 1 3  ? -4.191  3.985   -4.160  1.00 35.60  ? 3   DG  A N9    1 
ATOM   42  C  C8    . DG  A 1 3  ? -4.675  2.717   -4.370  1.00 35.29  ? 3   DG  A C8    1 
ATOM   43  N  N7    . DG  A 1 3  ? -4.456  1.916   -3.362  1.00 36.58  ? 3   DG  A N7    1 
ATOM   44  C  C5    . DG  A 1 3  ? -3.767  2.697   -2.445  1.00 32.56  ? 3   DG  A C5    1 
ATOM   45  C  C6    . DG  A 1 3  ? -3.270  2.380   -1.155  1.00 32.61  ? 3   DG  A C6    1 
ATOM   46  O  O6    . DG  A 1 3  ? -3.319  1.304   -0.554  1.00 33.71  ? 3   DG  A O6    1 
ATOM   47  N  N1    . DG  A 1 3  ? -2.655  3.478   -0.561  1.00 28.47  ? 3   DG  A N1    1 
ATOM   48  C  C2    . DG  A 1 3  ? -2.561  4.729   -1.119  1.00 31.49  ? 3   DG  A C2    1 
ATOM   49  N  N2    . DG  A 1 3  ? -1.938  5.666   -0.387  1.00 29.46  ? 3   DG  A N2    1 
ATOM   50  N  N3    . DG  A 1 3  ? -3.028  5.038   -2.317  1.00 32.26  ? 3   DG  A N3    1 
ATOM   51  C  C4    . DG  A 1 3  ? -3.606  3.979   -2.922  1.00 32.87  ? 3   DG  A C4    1 
ATOM   52  P  P     . DG  A 1 4  ? -2.849  7.460   -8.199  1.00 52.35  ? 4   DG  A P     1 
ATOM   53  O  OP1   . DG  A 1 4  ? -4.096  8.141   -7.806  1.00 68.00  ? 4   DG  A OP1   1 
ATOM   54  O  OP2   . DG  A 1 4  ? -2.109  7.914   -9.394  1.00 69.74  ? 4   DG  A OP2   1 
ATOM   55  O  "O5'" . DG  A 1 4  ? -1.848  7.508   -6.963  1.00 51.39  ? 4   DG  A "O5'" 1 
ATOM   56  C  "C5'" . DG  A 1 4  ? -1.720  8.716   -6.192  1.00 41.29  ? 4   DG  A "C5'" 1 
ATOM   57  C  "C4'" . DG  A 1 4  ? -0.606  8.584   -5.183  1.00 40.11  ? 4   DG  A "C4'" 1 
ATOM   58  O  "O4'" . DG  A 1 4  ? -0.841  7.427   -4.358  1.00 37.34  ? 4   DG  A "O4'" 1 
ATOM   59  C  "C3'" . DG  A 1 4  ? 0.778   8.386   -5.803  1.00 39.60  ? 4   DG  A "C3'" 1 
ATOM   60  O  "O3'" . DG  A 1 4  ? 1.571   9.519   -5.450  1.00 41.97  ? 4   DG  A "O3'" 1 
ATOM   61  C  "C2'" . DG  A 1 4  ? 1.295   7.084   -5.204  1.00 33.88  ? 4   DG  A "C2'" 1 
ATOM   62  C  "C1'" . DG  A 1 4  ? 0.409   6.889   -3.993  1.00 36.63  ? 4   DG  A "C1'" 1 
ATOM   63  N  N9    . DG  A 1 4  ? 0.196   5.500   -3.617  1.00 35.19  ? 4   DG  A N9    1 
ATOM   64  C  C8    . DG  A 1 4  ? -0.443  4.528   -4.351  1.00 33.70  ? 4   DG  A C8    1 
ATOM   65  N  N7    . DG  A 1 4  ? -0.485  3.375   -3.743  1.00 33.61  ? 4   DG  A N7    1 
ATOM   66  C  C5    . DG  A 1 4  ? 0.163   3.598   -2.536  1.00 34.32  ? 4   DG  A C5    1 
ATOM   67  C  C6    . DG  A 1 4  ? 0.430   2.713   -1.461  1.00 35.68  ? 4   DG  A C6    1 
ATOM   68  O  O6    . DG  A 1 4  ? 0.136   1.512   -1.356  1.00 33.97  ? 4   DG  A O6    1 
ATOM   69  N  N1    . DG  A 1 4  ? 1.102   3.356   -0.427  1.00 34.53  ? 4   DG  A N1    1 
ATOM   70  C  C2    . DG  A 1 4  ? 1.494   4.676   -0.436  1.00 33.79  ? 4   DG  A C2    1 
ATOM   71  N  N2    . DG  A 1 4  ? 2.147   5.110   0.648   1.00 33.71  ? 4   DG  A N2    1 
ATOM   72  N  N3    . DG  A 1 4  ? 1.255   5.508   -1.433  1.00 36.33  ? 4   DG  A N3    1 
ATOM   73  C  C4    . DG  A 1 4  ? 0.584   4.906   -2.441  1.00 35.97  ? 4   DG  A C4    1 
ATOM   74  P  P     . DG  A 1 5  ? 3.017   9.666   -6.050  1.00 44.42  ? 5   DG  A P     1 
ATOM   75  O  OP1   . DG  A 1 5  ? 3.307   11.101  -6.234  1.00 47.37  ? 5   DG  A OP1   1 
ATOM   76  O  OP2   . DG  A 1 5  ? 3.125   8.743   -7.203  1.00 45.34  ? 5   DG  A OP2   1 
ATOM   77  O  "O5'" . DG  A 1 5  ? 3.931   9.131   -4.863  1.00 44.19  ? 5   DG  A "O5'" 1 
ATOM   78  C  "C5'" . DG  A 1 5  ? 3.976   9.790   -3.584  1.00 42.19  ? 5   DG  A "C5'" 1 
ATOM   79  C  "C4'" . DG  A 1 5  ? 5.017   9.123   -2.718  1.00 42.89  ? 5   DG  A "C4'" 1 
ATOM   80  O  "O4'" . DG  A 1 5  ? 4.494   7.853   -2.262  1.00 41.33  ? 5   DG  A "O4'" 1 
ATOM   81  C  "C3'" . DG  A 1 5  ? 6.333   8.798   -3.435  1.00 44.23  ? 5   DG  A "C3'" 1 
ATOM   82  O  "O3'" . DG  A 1 5  ? 7.461   9.031   -2.591  1.00 48.21  ? 5   DG  A "O3'" 1 
ATOM   83  C  "C2'" . DG  A 1 5  ? 6.258   7.301   -3.656  1.00 41.72  ? 5   DG  A "C2'" 1 
ATOM   84  C  "C1'" . DG  A 1 5  ? 5.491   6.863   -2.426  1.00 39.39  ? 5   DG  A "C1'" 1 
ATOM   85  N  N9    . DG  A 1 5  ? 4.819   5.579   -2.564  1.00 36.59  ? 5   DG  A N9    1 
ATOM   86  C  C8    . DG  A 1 5  ? 4.005   5.199   -3.601  1.00 35.15  ? 5   DG  A C8    1 
ATOM   87  N  N7    . DG  A 1 5  ? 3.543   3.988   -3.472  1.00 35.46  ? 5   DG  A N7    1 
ATOM   88  C  C5    . DG  A 1 5  ? 4.058   3.550   -2.260  1.00 32.42  ? 5   DG  A C5    1 
ATOM   89  C  C6    . DG  A 1 5  ? 3.894   2.311   -1.585  1.00 31.73  ? 5   DG  A C6    1 
ATOM   90  O  O6    . DG  A 1 5  ? 3.218   1.331   -1.924  1.00 34.60  ? 5   DG  A O6    1 
ATOM   91  N  N1    . DG  A 1 5  ? 4.607   2.281   -0.391  1.00 34.10  ? 5   DG  A N1    1 
ATOM   92  C  C2    . DG  A 1 5  ? 5.378   3.309   0.094   1.00 30.78  ? 5   DG  A C2    1 
ATOM   93  N  N2    . DG  A 1 5  ? 5.991   3.086   1.265   1.00 30.53  ? 5   DG  A N2    1 
ATOM   94  N  N3    . DG  A 1 5  ? 5.534   4.470   -0.523  1.00 31.90  ? 5   DG  A N3    1 
ATOM   95  C  C4    . DG  A 1 5  ? 4.842   4.523   -1.682  1.00 33.44  ? 5   DG  A C4    1 
ATOM   96  P  P     . DT  A 1 6  ? 8.450   10.244  -2.906  1.00 56.90  ? 6   DT  A P     1 
ATOM   97  O  OP1   . DT  A 1 6  ? 8.728   10.266  -4.365  1.00 53.28  ? 6   DT  A OP1   1 
ATOM   98  O  OP2   . DT  A 1 6  ? 9.573   10.174  -1.932  1.00 57.18  ? 6   DT  A OP2   1 
ATOM   99  O  "O5'" . DT  A 1 6  ? 7.558   11.522  -2.576  1.00 53.34  ? 6   DT  A "O5'" 1 
ATOM   100 C  "C5'" . DT  A 1 6  ? 7.212   11.864  -1.221  1.00 54.46  ? 6   DT  A "C5'" 1 
ATOM   101 C  "C4'" . DT  A 1 6  ? 7.045   13.360  -1.093  1.00 55.48  ? 6   DT  A "C4'" 1 
ATOM   102 O  "O4'" . DT  A 1 6  ? 8.349   13.982  -1.169  1.00 58.05  ? 6   DT  A "O4'" 1 
ATOM   103 C  "C3'" . DT  A 1 6  ? 6.208   13.995  -2.204  1.00 54.98  ? 6   DT  A "C3'" 1 
ATOM   104 O  "O3'" . DT  A 1 6  ? 5.391   15.058  -1.702  1.00 49.97  ? 6   DT  A "O3'" 1 
ATOM   105 C  "C2'" . DT  A 1 6  ? 7.249   14.496  -3.190  1.00 56.64  ? 6   DT  A "C2'" 1 
ATOM   106 C  "C1'" . DT  A 1 6  ? 8.424   14.848  -2.293  1.00 63.50  ? 6   DT  A "C1'" 1 
ATOM   107 N  N1    . DT  A 1 6  ? 9.744   14.667  -2.924  1.00 74.70  ? 6   DT  A N1    1 
ATOM   108 C  C2    . DT  A 1 6  ? 10.417  15.793  -3.340  1.00 84.04  ? 6   DT  A C2    1 
ATOM   109 O  O2    . DT  A 1 6  ? 9.980   16.922  -3.191  1.00 87.16  ? 6   DT  A O2    1 
ATOM   110 N  N3    . DT  A 1 6  ? 11.629  15.548  -3.936  1.00 89.94  ? 6   DT  A N3    1 
ATOM   111 C  C4    . DT  A 1 6  ? 12.220  14.319  -4.156  1.00 95.19  ? 6   DT  A C4    1 
ATOM   112 O  O4    . DT  A 1 6  ? 13.316  14.256  -4.704  1.00 103.61 ? 6   DT  A O4    1 
ATOM   113 C  C5    . DT  A 1 6  ? 11.456  13.179  -3.697  1.00 94.01  ? 6   DT  A C5    1 
ATOM   114 C  C7    . DT  A 1 6  ? 12.013  11.804  -3.896  1.00 91.55  ? 6   DT  A C7    1 
ATOM   115 C  C6    . DT  A 1 6  ? 10.271  13.408  -3.116  1.00 86.59  ? 6   DT  A C6    1 
ATOM   116 P  P     . DT  A 1 7  ? 4.090   15.518  -2.513  1.00 49.01  ? 7   DT  A P     1 
ATOM   117 O  OP1   . DT  A 1 7  ? 3.447   14.319  -3.120  1.00 52.04  ? 7   DT  A OP1   1 
ATOM   118 O  OP2   . DT  A 1 7  ? 4.451   16.661  -3.371  1.00 50.53  ? 7   DT  A OP2   1 
ATOM   119 O  "O5'" . DT  A 1 7  ? 3.135   16.038  -1.362  1.00 46.53  ? 7   DT  A "O5'" 1 
ATOM   120 C  "C5'" . DT  A 1 7  ? 2.674   15.158  -0.339  1.00 47.12  ? 7   DT  A "C5'" 1 
ATOM   121 C  "C4'" . DT  A 1 7  ? 2.230   15.981  0.844   1.00 46.14  ? 7   DT  A "C4'" 1 
ATOM   122 O  "O4'" . DT  A 1 7  ? 3.398   16.518  1.515   1.00 46.84  ? 7   DT  A "O4'" 1 
ATOM   123 C  "C3'" . DT  A 1 7  ? 1.348   17.175  0.487   1.00 47.82  ? 7   DT  A "C3'" 1 
ATOM   124 O  "O3'" . DT  A 1 7  ? 0.310   17.334  1.453   1.00 47.88  ? 7   DT  A "O3'" 1 
ATOM   125 C  "C2'" . DT  A 1 7  ? 2.290   18.364  0.578   1.00 46.71  ? 7   DT  A "C2'" 1 
ATOM   126 C  "C1'" . DT  A 1 7  ? 3.295   17.924  1.630   1.00 47.96  ? 7   DT  A "C1'" 1 
ATOM   127 N  N1    . DT  A 1 7  ? 4.631   18.486  1.413   1.00 47.45  ? 7   DT  A N1    1 
ATOM   128 C  C2    . DT  A 1 7  ? 5.106   19.416  2.311   1.00 47.51  ? 7   DT  A C2    1 
ATOM   129 O  O2    . DT  A 1 7  ? 4.477   19.774  3.293   1.00 46.31  ? 7   DT  A O2    1 
ATOM   130 N  N3    . DT  A 1 7  ? 6.353   19.907  2.019   1.00 45.86  ? 7   DT  A N3    1 
ATOM   131 C  C4    . DT  A 1 7  ? 7.149   19.577  0.938   1.00 50.16  ? 7   DT  A C4    1 
ATOM   132 O  O4    . DT  A 1 7  ? 8.255   20.095  0.813   1.00 54.60  ? 7   DT  A O4    1 
ATOM   133 C  C5    . DT  A 1 7  ? 6.585   18.601  0.032   1.00 50.27  ? 7   DT  A C5    1 
ATOM   134 C  C7    . DT  A 1 7  ? 7.376   18.176  -1.167  1.00 46.52  ? 7   DT  A C7    1 
ATOM   135 C  C6    . DT  A 1 7  ? 5.369   18.115  0.309   1.00 47.80  ? 7   DT  A C6    1 
ATOM   136 P  P     . DA  A 1 8  ? -1.218  17.147  1.045   1.00 49.64  ? 8   DA  A P     1 
ATOM   137 O  OP1   . DA  A 1 8  ? -1.393  17.514  -0.385  1.00 49.28  ? 8   DA  A OP1   1 
ATOM   138 O  OP2   . DA  A 1 8  ? -2.054  17.772  2.097   1.00 50.25  ? 8   DA  A OP2   1 
ATOM   139 O  "O5'" . DA  A 1 8  ? -1.417  15.568  1.127   1.00 47.96  ? 8   DA  A "O5'" 1 
ATOM   140 C  "C5'" . DA  A 1 8  ? -1.410  14.883  2.380   1.00 41.00  ? 8   DA  A "C5'" 1 
ATOM   141 C  "C4'" . DA  A 1 8  ? -1.650  13.422  2.108   1.00 40.27  ? 8   DA  A "C4'" 1 
ATOM   142 O  "O4'" . DA  A 1 8  ? -2.966  13.269  1.535   1.00 40.19  ? 8   DA  A "O4'" 1 
ATOM   143 C  "C3'" . DA  A 1 8  ? -0.680  12.807  1.101   1.00 38.27  ? 8   DA  A "C3'" 1 
ATOM   144 O  "O3'" . DA  A 1 8  ? -0.339  11.537  1.625   1.00 38.59  ? 8   DA  A "O3'" 1 
ATOM   145 C  "C2'" . DA  A 1 8  ? -1.529  12.583  -0.135  1.00 37.97  ? 8   DA  A "C2'" 1 
ATOM   146 C  "C1'" . DA  A 1 8  ? -2.882  12.342  0.482   1.00 37.95  ? 8   DA  A "C1'" 1 
ATOM   147 N  N9    . DA  A 1 8  ? -4.014  12.571  -0.403  1.00 38.12  ? 8   DA  A N9    1 
ATOM   148 C  C8    . DA  A 1 8  ? -4.199  13.572  -1.325  1.00 39.25  ? 8   DA  A C8    1 
ATOM   149 N  N7    . DA  A 1 8  ? -5.334  13.489  -1.976  1.00 41.51  ? 8   DA  A N7    1 
ATOM   150 C  C5    . DA  A 1 8  ? -5.937  12.353  -1.450  1.00 38.77  ? 8   DA  A C5    1 
ATOM   151 C  C6    . DA  A 1 8  ? -7.167  11.726  -1.712  1.00 38.15  ? 8   DA  A C6    1 
ATOM   152 N  N6    . DA  A 1 8  ? -8.050  12.170  -2.608  1.00 38.24  ? 8   DA  A N6    1 
ATOM   153 N  N1    . DA  A 1 8  ? -7.463  10.608  -1.012  1.00 36.65  ? 8   DA  A N1    1 
ATOM   154 C  C2    . DA  A 1 8  ? -6.588  10.172  -0.102  1.00 35.80  ? 8   DA  A C2    1 
ATOM   155 N  N3    . DA  A 1 8  ? -5.412  10.687  0.251   1.00 37.40  ? 8   DA  A N3    1 
ATOM   156 C  C4    . DA  A 1 8  ? -5.134  11.779  -0.481  1.00 37.69  ? 8   DA  A C4    1 
ATOM   157 P  P     . DG  A 1 9  ? 1.007   10.837  1.213   1.00 41.78  ? 9   DG  A P     1 
ATOM   158 O  OP1   . DG  A 1 9  ? 2.063   11.866  1.124   1.00 45.51  ? 9   DG  A OP1   1 
ATOM   159 O  OP2   . DG  A 1 9  ? 0.737   9.962   0.048   1.00 46.27  ? 9   DG  A OP2   1 
ATOM   160 O  "O5'" . DG  A 1 9  ? 1.281   9.950   2.495   1.00 41.17  ? 9   DG  A "O5'" 1 
ATOM   161 C  "C5'" . DG  A 1 9  ? 1.306   10.570  3.780   1.00 41.85  ? 9   DG  A "C5'" 1 
ATOM   162 C  "C4'" . DG  A 1 9  ? 1.988   9.632   4.743   1.00 41.35  ? 9   DG  A "C4'" 1 
ATOM   163 O  "O4'" . DG  A 1 9  ? 1.129   8.487   4.940   1.00 39.71  ? 9   DG  A "O4'" 1 
ATOM   164 C  "C3'" . DG  A 1 9  ? 3.325   9.078   4.253   1.00 43.77  ? 9   DG  A "C3'" 1 
ATOM   165 O  "O3'" . DG  A 1 9  ? 4.195   8.875   5.374   1.00 50.39  ? 9   DG  A "O3'" 1 
ATOM   166 C  "C2'" . DG  A 1 9  ? 2.945   7.742   3.652   1.00 40.20  ? 9   DG  A "C2'" 1 
ATOM   167 C  "C1'" . DG  A 1 9  ? 1.778   7.308   4.520   1.00 39.05  ? 9   DG  A "C1'" 1 
ATOM   168 N  N9    . DG  A 1 9  ? 0.827   6.523   3.747   1.00 37.85  ? 9   DG  A N9    1 
ATOM   169 C  C8    . DG  A 1 9  ? 0.272   6.868   2.539   1.00 35.33  ? 9   DG  A C8    1 
ATOM   170 N  N7    . DG  A 1 9  ? -0.481  5.930   2.036   1.00 35.80  ? 9   DG  A N7    1 
ATOM   171 C  C5    . DG  A 1 9  ? -0.406  4.896   2.960   1.00 34.67  ? 9   DG  A C5    1 
ATOM   172 C  C6    . DG  A 1 9  ? -1.021  3.617   2.960   1.00 36.71  ? 9   DG  A C6    1 
ATOM   173 O  O6    . DG  A 1 9  ? -1.779  3.125   2.111   1.00 39.30  ? 9   DG  A O6    1 
ATOM   174 N  N1    . DG  A 1 9  ? -0.682  2.888   4.096   1.00 34.13  ? 9   DG  A N1    1 
ATOM   175 C  C2    . DG  A 1 9  ? 0.138   3.337   5.105   1.00 32.13  ? 9   DG  A C2    1 
ATOM   176 N  N2    . DG  A 1 9  ? 0.339   2.498   6.120   1.00 32.09  ? 9   DG  A N2    1 
ATOM   177 N  N3    . DG  A 1 9  ? 0.721   4.521   5.111   1.00 32.60  ? 9   DG  A N3    1 
ATOM   178 C  C4    . DG  A 1 9  ? 0.402   5.246   4.019   1.00 34.29  ? 9   DG  A C4    1 
ATOM   179 P  P     . DG  A 1 10 ? 5.635   8.186   5.207   1.00 52.16  ? 10  DG  A P     1 
ATOM   180 O  OP1   . DG  A 1 10 ? 6.586   8.921   6.076   1.00 59.19  ? 10  DG  A OP1   1 
ATOM   181 O  OP2   . DG  A 1 10 ? 5.945   8.026   3.757   1.00 57.40  ? 10  DG  A OP2   1 
ATOM   182 O  "O5'" . DG  A 1 10 ? 5.380   6.722   5.785   1.00 51.43  ? 10  DG  A "O5'" 1 
ATOM   183 C  "C5'" . DG  A 1 10 ? 4.936   6.511   7.138   1.00 45.27  ? 10  DG  A "C5'" 1 
ATOM   184 C  "C4'" . DG  A 1 10 ? 5.210   5.083   7.550   1.00 44.74  ? 10  DG  A "C4'" 1 
ATOM   185 O  "O4'" . DG  A 1 10 ? 4.266   4.198   6.904   1.00 43.27  ? 10  DG  A "O4'" 1 
ATOM   186 C  "C3'" . DG  A 1 10 ? 6.594   4.555   7.175   1.00 45.35  ? 10  DG  A "C3'" 1 
ATOM   187 O  "O3'" . DG  A 1 10 ? 7.031   3.673   8.213   1.00 48.43  ? 10  DG  A "O3'" 1 
ATOM   188 C  "C2'" . DG  A 1 10 ? 6.345   3.798   5.882   1.00 40.26  ? 10  DG  A "C2'" 1 
ATOM   189 C  "C1'" . DG  A 1 10 ? 4.955   3.232   6.115   1.00 40.65  ? 10  DG  A "C1'" 1 
ATOM   190 N  N9    . DG  A 1 10 ? 4.173   3.025   4.902   1.00 37.84  ? 10  DG  A N9    1 
ATOM   191 C  C8    . DG  A 1 10 ? 3.933   3.940   3.904   1.00 35.52  ? 10  DG  A C8    1 
ATOM   192 N  N7    . DG  A 1 10 ? 3.151   3.479   2.964   1.00 36.30  ? 10  DG  A N7    1 
ATOM   193 C  C5    . DG  A 1 10 ? 2.837   2.192   3.378   1.00 32.97  ? 10  DG  A C5    1 
ATOM   194 C  C6    . DG  A 1 10 ? 2.025   1.206   2.769   1.00 32.87  ? 10  DG  A C6    1 
ATOM   195 O  O6    . DG  A 1 10 ? 1.400   1.275   1.704   1.00 38.08  ? 10  DG  A O6    1 
ATOM   196 N  N1    . DG  A 1 10 ? 1.976   0.041   3.528   1.00 31.04  ? 10  DG  A N1    1 
ATOM   197 C  C2    . DG  A 1 10 ? 2.638   -0.157  4.715   1.00 32.30  ? 10  DG  A C2    1 
ATOM   198 N  N2    . DG  A 1 10 ? 2.492   -1.364  5.281   1.00 29.46  ? 10  DG  A N2    1 
ATOM   199 N  N3    . DG  A 1 10 ? 3.389   0.761   5.302   1.00 32.26  ? 10  DG  A N3    1 
ATOM   200 C  C4    . DG  A 1 10 ? 3.446   1.902   4.582   1.00 35.09  ? 10  DG  A C4    1 
ATOM   201 P  P     . DG  A 1 11 ? 8.543   3.136   8.253   1.00 52.14  ? 11  DG  A P     1 
ATOM   202 O  OP1   . DG  A 1 11 ? 9.007   3.212   9.666   1.00 57.14  ? 11  DG  A OP1   1 
ATOM   203 O  OP2   . DG  A 1 11 ? 9.320   3.812   7.182   1.00 49.29  ? 11  DG  A OP2   1 
ATOM   204 O  "O5'" . DG  A 1 11 ? 8.380   1.600   7.877   1.00 47.83  ? 11  DG  A "O5'" 1 
ATOM   205 C  "C5'" . DG  A 1 11 ? 7.568   0.732   8.674   1.00 43.08  ? 11  DG  A "C5'" 1 
ATOM   206 C  "C4'" . DG  A 1 11 ? 7.589   -0.652  8.074   1.00 43.52  ? 11  DG  A "C4'" 1 
ATOM   207 O  "O4'" . DG  A 1 11 ? 6.703   -0.695  6.934   1.00 42.40  ? 11  DG  A "O4'" 1 
ATOM   208 C  "C3'" . DG  A 1 11 ? 8.951   -1.114  7.556   1.00 42.58  ? 11  DG  A "C3'" 1 
ATOM   209 O  "O3'" . DG  A 1 11 ? 8.995   -2.520  7.780   1.00 53.25  ? 11  DG  A "O3'" 1 
ATOM   210 C  "C2'" . DG  A 1 11 ? 8.845   -0.904  6.058   1.00 40.00  ? 11  DG  A "C2'" 1 
ATOM   211 C  "C1'" . DG  A 1 11 ? 7.395   -1.280  5.841   1.00 39.11  ? 11  DG  A "C1'" 1 
ATOM   212 N  N9    . DG  A 1 11 ? 6.768   -0.795  4.617   1.00 37.58  ? 11  DG  A N9    1 
ATOM   213 C  C8    . DG  A 1 11 ? 6.873   0.463   4.073   1.00 34.12  ? 11  DG  A C8    1 
ATOM   214 N  N7    . DG  A 1 11 ? 6.163   0.612   2.987   1.00 36.63  ? 11  DG  A N7    1 
ATOM   215 C  C5    . DG  A 1 11 ? 5.533   -0.614  2.814   1.00 32.08  ? 11  DG  A C5    1 
ATOM   216 C  C6    . DG  A 1 11 ? 4.624   -1.048  1.815   1.00 32.61  ? 11  DG  A C6    1 
ATOM   217 O  O6    . DG  A 1 11 ? 4.191   -0.420  0.837   1.00 33.07  ? 11  DG  A O6    1 
ATOM   218 N  N1    . DG  A 1 11 ? 4.242   -2.372  2.011   1.00 31.78  ? 11  DG  A N1    1 
ATOM   219 C  C2    . DG  A 1 11 ? 4.679   -3.177  3.033   1.00 32.68  ? 11  DG  A C2    1 
ATOM   220 N  N2    . DG  A 1 11 ? 4.198   -4.429  3.044   1.00 30.27  ? 11  DG  A N2    1 
ATOM   221 N  N3    . DG  A 1 11 ? 5.500   -2.774  3.991   1.00 33.26  ? 11  DG  A N3    1 
ATOM   222 C  C4    . DG  A 1 11 ? 5.886   -1.491  3.818   1.00 34.01  ? 11  DG  A C4    1 
ATOM   223 P  P     . DT  A 1 12 ? 10.229  -3.202  8.541   1.00 61.85  ? 12  DT  A P     1 
ATOM   224 O  OP1   . DT  A 1 12 ? 11.469  -2.485  8.143   1.00 65.46  ? 12  DT  A OP1   1 
ATOM   225 O  OP2   . DT  A 1 12 ? 10.120  -4.663  8.316   1.00 65.46  ? 12  DT  A OP2   1 
ATOM   226 O  "O5'" . DT  A 1 12 ? 9.918   -2.954  10.087  1.00 68.66  ? 12  DT  A "O5'" 1 
ATOM   227 C  "C5'" . DT  A 1 12 ? 10.608  -1.936  10.846  1.00 81.66  ? 12  DT  A "C5'" 1 
ATOM   228 C  "C4'" . DT  A 1 12 ? 11.458  -2.538  11.945  1.00 88.20  ? 12  DT  A "C4'" 1 
ATOM   229 O  "O4'" . DT  A 1 12 ? 11.051  -1.998  13.226  1.00 91.46  ? 12  DT  A "O4'" 1 
ATOM   230 C  "C3'" . DT  A 1 12 ? 11.393  -4.060  12.087  1.00 90.34  ? 12  DT  A "C3'" 1 
ATOM   231 O  "O3'" . DT  A 1 12 ? 12.682  -4.595  12.416  1.00 88.84  ? 12  DT  A "O3'" 1 
ATOM   232 C  "C2'" . DT  A 1 12 ? 10.384  -4.266  13.205  1.00 93.82  ? 12  DT  A "C2'" 1 
ATOM   233 C  "C1'" . DT  A 1 12 ? 10.580  -3.034  14.080  1.00 96.43  ? 12  DT  A "C1'" 1 
ATOM   234 P  P     . DG  A 1 15 ? 1.904   -2.580  13.328  1.00 118.99 ? 15  DG  A P     1 
ATOM   235 O  OP1   . DG  A 1 15 ? 1.003   -1.920  14.290  1.00 112.62 ? 15  DG  A OP1   1 
ATOM   236 O  OP2   . DG  A 1 15 ? 2.380   -3.948  13.601  1.00 124.63 ? 15  DG  A OP2   1 
ATOM   237 O  "O5'" . DG  A 1 15 ? 1.218   -2.641  11.894  1.00 90.42  ? 15  DG  A "O5'" 1 
ATOM   238 C  "C5'" . DG  A 1 15 ? -0.046  -3.281  11.764  1.00 63.48  ? 15  DG  A "C5'" 1 
ATOM   239 C  "C4'" . DG  A 1 15 ? -0.205  -3.965  10.431  1.00 52.14  ? 15  DG  A "C4'" 1 
ATOM   240 O  "O4'" . DG  A 1 15 ? -0.784  -3.071  9.461   1.00 44.83  ? 15  DG  A "O4'" 1 
ATOM   241 C  "C3'" . DG  A 1 15 ? 1.053   -4.558  9.789   1.00 47.72  ? 15  DG  A "C3'" 1 
ATOM   242 O  "O3'" . DG  A 1 15 ? 0.817   -5.960  9.652   1.00 49.18  ? 15  DG  A "O3'" 1 
ATOM   243 C  "C2'" . DG  A 1 15 ? 1.076   -3.920  8.416   1.00 45.98  ? 15  DG  A "C2'" 1 
ATOM   244 C  "C1'" . DG  A 1 15 ? -0.367  -3.503  8.203   1.00 41.48  ? 15  DG  A "C1'" 1 
ATOM   245 N  N9    . DG  A 1 15 ? -0.545  -2.404  7.267   1.00 36.33  ? 15  DG  A N9    1 
ATOM   246 C  C8    . DG  A 1 15 ? -0.123  -1.109  7.419   1.00 33.32  ? 15  DG  A C8    1 
ATOM   247 N  N7    . DG  A 1 15 ? -0.429  -0.348  6.408   1.00 36.73  ? 15  DG  A N7    1 
ATOM   248 C  C5    . DG  A 1 15 ? -1.086  -1.194  5.529   1.00 31.02  ? 15  DG  A C5    1 
ATOM   249 C  C6    . DG  A 1 15 ? -1.637  -0.943  4.248   1.00 33.33  ? 15  DG  A C6    1 
ATOM   250 O  O6    . DG  A 1 15 ? -1.659  0.110   3.613   1.00 33.66  ? 15  DG  A O6    1 
ATOM   251 N  N1    . DG  A 1 15 ? -2.210  -2.087  3.707   1.00 31.79  ? 15  DG  A N1    1 
ATOM   252 C  C2    . DG  A 1 15 ? -2.251  -3.310  4.317   1.00 30.64  ? 15  DG  A C2    1 
ATOM   253 N  N2    . DG  A 1 15 ? -2.860  -4.284  3.636   1.00 28.06  ? 15  DG  A N2    1 
ATOM   254 N  N3    . DG  A 1 15 ? -1.726  -3.563  5.500   1.00 30.71  ? 15  DG  A N3    1 
ATOM   255 C  C4    . DG  A 1 15 ? -1.164  -2.468  6.045   1.00 33.45  ? 15  DG  A C4    1 
ATOM   256 P  P     . DG  A 1 16 ? 1.938   -6.951  9.275   1.00 47.81  ? 16  DG  A P     1 
ATOM   257 O  OP1   . DG  A 1 16 ? 1.773   -8.149  10.132  1.00 52.27  ? 16  DG  A OP1   1 
ATOM   258 O  OP2   . DG  A 1 16 ? 3.219   -6.216  9.291   1.00 50.52  ? 16  DG  A OP2   1 
ATOM   259 O  "O5'" . DG  A 1 16 ? 1.515   -7.433  7.826   1.00 44.91  ? 16  DG  A "O5'" 1 
ATOM   260 C  "C5'" . DG  A 1 16 ? 0.209   -7.936  7.592   1.00 39.58  ? 16  DG  A "C5'" 1 
ATOM   261 C  "C4'" . DG  A 1 16 ? 0.057   -8.281  6.130   1.00 41.31  ? 16  DG  A "C4'" 1 
ATOM   262 O  "O4'" . DG  A 1 16 ? -0.231  -7.080  5.379   1.00 39.16  ? 16  DG  A "O4'" 1 
ATOM   263 C  "C3'" . DG  A 1 16 ? 1.293   -8.906  5.476   1.00 42.89  ? 16  DG  A "C3'" 1 
ATOM   264 O  "O3'" . DG  A 1 16 ? 0.909   -10.103 4.792   1.00 42.18  ? 16  DG  A "O3'" 1 
ATOM   265 C  "C2'" . DG  A 1 16 ? 1.770   -7.849  4.488   1.00 37.03  ? 16  DG  A "C2'" 1 
ATOM   266 C  "C1'" . DG  A 1 16 ? 0.500   -7.095  4.168   1.00 36.42  ? 16  DG  A "C1'" 1 
ATOM   267 N  N9    . DG  A 1 16 ? 0.706   -5.707  3.780   1.00 34.80  ? 16  DG  A N9    1 
ATOM   268 C  C8    . DG  A 1 16 ? 1.256   -4.718  4.558   1.00 33.28  ? 16  DG  A C8    1 
ATOM   269 N  N7    . DG  A 1 16 ? 1.252   -3.549  3.978   1.00 32.75  ? 16  DG  A N7    1 
ATOM   270 C  C5    . DG  A 1 16 ? 0.651   -3.779  2.748   1.00 31.42  ? 16  DG  A C5    1 
ATOM   271 C  C6    . DG  A 1 16 ? 0.371   -2.889  1.695   1.00 32.10  ? 16  DG  A C6    1 
ATOM   272 O  O6    . DG  A 1 16 ? 0.621   -1.678  1.627   1.00 35.25  ? 16  DG  A O6    1 
ATOM   273 N  N1    . DG  A 1 16 ? -0.256  -3.532  0.633   1.00 31.45  ? 16  DG  A N1    1 
ATOM   274 C  C2    . DG  A 1 16 ? -0.559  -4.872  0.588   1.00 32.52  ? 16  DG  A C2    1 
ATOM   275 N  N2    . DG  A 1 16 ? -1.152  -5.310  -0.533  1.00 33.97  ? 16  DG  A N2    1 
ATOM   276 N  N3    . DG  A 1 16 ? -0.316  -5.715  1.577   1.00 32.56  ? 16  DG  A N3    1 
ATOM   277 C  C4    . DG  A 1 16 ? 0.291   -5.104  2.618   1.00 32.17  ? 16  DG  A C4    1 
ATOM   278 P  P     . DG  A 1 17 ? 2.005   -11.017 4.096   1.00 43.74  ? 17  DG  A P     1 
ATOM   279 O  OP1   . DG  A 1 17 ? 1.566   -12.428 4.232   1.00 45.95  ? 17  DG  A OP1   1 
ATOM   280 O  OP2   . DG  A 1 17 ? 3.326   -10.594 4.602   1.00 40.68  ? 17  DG  A OP2   1 
ATOM   281 O  "O5'" . DG  A 1 17 ? 1.862   -10.665 2.548   1.00 43.83  ? 17  DG  A "O5'" 1 
ATOM   282 C  "C5'" . DG  A 1 17 ? 0.645   -10.925 1.826   1.00 39.98  ? 17  DG  A "C5'" 1 
ATOM   283 C  "C4'" . DG  A 1 17 ? 0.888   -10.919 0.331   1.00 43.08  ? 17  DG  A "C4'" 1 
ATOM   284 O  "O4'" . DG  A 1 17 ? 0.800   -9.572  -0.202  1.00 36.77  ? 17  DG  A "O4'" 1 
ATOM   285 C  "C3'" . DG  A 1 17 ? 2.248   -11.452 -0.119  1.00 42.42  ? 17  DG  A "C3'" 1 
ATOM   286 O  "O3'" . DG  A 1 17 ? 2.141   -12.074 -1.403  1.00 45.70  ? 17  DG  A "O3'" 1 
ATOM   287 C  "C2'" . DG  A 1 17 ? 3.074   -10.190 -0.248  1.00 38.99  ? 17  DG  A "C2'" 1 
ATOM   288 C  "C1'" . DG  A 1 17 ? 2.049   -9.205  -0.780  1.00 35.58  ? 17  DG  A "C1'" 1 
ATOM   289 N  N9    . DG  A 1 17 ? 2.324   -7.816  -0.419  1.00 34.89  ? 17  DG  A N9    1 
ATOM   290 C  C8    . DG  A 1 17 ? 2.768   -7.347  0.794   1.00 31.57  ? 17  DG  A C8    1 
ATOM   291 N  N7    . DG  A 1 17 ? 2.934   -6.053  0.812   1.00 32.33  ? 17  DG  A N7    1 
ATOM   292 C  C5    . DG  A 1 17 ? 2.571   -5.642  -0.464  1.00 31.64  ? 17  DG  A C5    1 
ATOM   293 C  C6    . DG  A 1 17 ? 2.538   -4.346  -1.036  1.00 33.76  ? 17  DG  A C6    1 
ATOM   294 O  O6    . DG  A 1 17 ? 2.829   -3.265  -0.509  1.00 32.68  ? 17  DG  A O6    1 
ATOM   295 N  N1    . DG  A 1 17 ? 2.111   -4.381  -2.363  1.00 31.58  ? 17  DG  A N1    1 
ATOM   296 C  C2    . DG  A 1 17 ? 1.763   -5.518  -3.051  1.00 32.51  ? 17  DG  A C2    1 
ATOM   297 N  N2    . DG  A 1 17 ? 1.366   -5.348  -4.324  1.00 31.19  ? 17  DG  A N2    1 
ATOM   298 N  N3    . DG  A 1 17 ? 1.778   -6.731  -2.521  1.00 33.20  ? 17  DG  A N3    1 
ATOM   299 C  C4    . DG  A 1 17 ? 2.200   -6.719  -1.239  1.00 31.26  ? 17  DG  A C4    1 
ATOM   300 P  P     . DT  A 1 18 ? 2.194   -13.667 -1.523  1.00 50.51  ? 18  DT  A P     1 
ATOM   301 O  OP1   . DT  A 1 18 ? 3.380   -14.148 -0.758  1.00 49.56  ? 18  DT  A OP1   1 
ATOM   302 O  OP2   . DT  A 1 18 ? 2.035   -14.030 -2.950  1.00 50.91  ? 18  DT  A OP2   1 
ATOM   303 O  "O5'" . DT  A 1 18 ? 0.899   -14.125 -0.718  1.00 53.64  ? 18  DT  A "O5'" 1 
ATOM   304 C  "C5'" . DT  A 1 18 ? -0.398  -14.111 -1.341  1.00 59.35  ? 18  DT  A "C5'" 1 
ATOM   305 C  "C4'" . DT  A 1 18 ? -1.223  -15.283 -0.861  1.00 60.43  ? 18  DT  A "C4'" 1 
ATOM   306 O  "O4'" . DT  A 1 18 ? -0.896  -16.452 -1.640  1.00 58.50  ? 18  DT  A "O4'" 1 
ATOM   307 C  "C3'" . DT  A 1 18 ? -1.011  -15.673 0.601   1.00 61.63  ? 18  DT  A "C3'" 1 
ATOM   308 O  "O3'" . DT  A 1 18 ? -2.266  -15.976 1.215   1.00 64.38  ? 18  DT  A "O3'" 1 
ATOM   309 C  "C2'" . DT  A 1 18 ? -0.118  -16.899 0.527   1.00 58.12  ? 18  DT  A "C2'" 1 
ATOM   310 C  "C1'" . DT  A 1 18 ? -0.525  -17.524 -0.792  1.00 58.54  ? 18  DT  A "C1'" 1 
ATOM   311 N  N1    . DT  A 1 18 ? 0.545   -18.265 -1.467  1.00 60.13  ? 18  DT  A N1    1 
ATOM   312 C  C2    . DT  A 1 18 ? 0.316   -19.579 -1.802  1.00 63.14  ? 18  DT  A C2    1 
ATOM   313 O  O2    . DT  A 1 18 ? -0.730  -20.157 -1.555  1.00 61.51  ? 18  DT  A O2    1 
ATOM   314 N  N3    . DT  A 1 18 ? 1.363   -20.197 -2.438  1.00 62.95  ? 18  DT  A N3    1 
ATOM   315 C  C4    . DT  A 1 18 ? 2.584   -19.640 -2.775  1.00 67.88  ? 18  DT  A C4    1 
ATOM   316 O  O4    . DT  A 1 18 ? 3.428   -20.320 -3.357  1.00 67.57  ? 18  DT  A O4    1 
ATOM   317 C  C5    . DT  A 1 18 ? 2.753   -18.253 -2.395  1.00 68.17  ? 18  DT  A C5    1 
ATOM   318 C  C7    . DT  A 1 18 ? 4.041   -17.562 -2.716  1.00 71.83  ? 18  DT  A C7    1 
ATOM   319 C  C6    . DT  A 1 18 ? 1.739   -17.646 -1.769  1.00 66.24  ? 18  DT  A C6    1 
ATOM   320 P  P     . DT  A 1 19 ? -2.428  -15.834 2.797   1.00 66.03  ? 19  DT  A P     1 
ATOM   321 O  OP1   . DT  A 1 19 ? -1.561  -14.704 3.255   1.00 69.91  ? 19  DT  A OP1   1 
ATOM   322 O  OP2   . DT  A 1 19 ? -2.235  -17.178 3.402   1.00 64.51  ? 19  DT  A OP2   1 
ATOM   323 O  "O5'" . DT  A 1 19 ? -3.948  -15.381 2.929   1.00 73.46  ? 19  DT  A "O5'" 1 
ATOM   324 C  "C5'" . DT  A 1 19 ? -4.811  -15.960 3.920   1.00 82.87  ? 19  DT  A "C5'" 1 
ATOM   325 C  "C4'" . DT  A 1 19 ? -6.242  -15.913 3.437   1.00 86.81  ? 19  DT  A "C4'" 1 
ATOM   326 O  "O4'" . DT  A 1 19 ? -6.459  -16.909 2.408   1.00 95.88  ? 19  DT  A "O4'" 1 
ATOM   327 C  "C3'" . DT  A 1 19 ? -7.270  -16.197 4.527   1.00 89.43  ? 19  DT  A "C3'" 1 
ATOM   328 O  "O3'" . DT  A 1 19 ? -8.313  -15.221 4.426   1.00 77.70  ? 19  DT  A "O3'" 1 
ATOM   329 C  "C2'" . DT  A 1 19 ? -7.689  -17.637 4.269   1.00 95.84  ? 19  DT  A "C2'" 1 
ATOM   330 C  "C1'" . DT  A 1 19 ? -7.533  -17.767 2.765   1.00 98.40  ? 19  DT  A "C1'" 1 
ATOM   331 N  N1    . DT  A 1 19 ? -7.231  -19.131 2.262   1.00 103.64 ? 19  DT  A N1    1 
ATOM   332 C  C2    . DT  A 1 19 ? -5.966  -19.423 1.794   1.00 110.45 ? 19  DT  A C2    1 
ATOM   333 O  O2    . DT  A 1 19 ? -5.052  -18.616 1.788   1.00 122.40 ? 19  DT  A O2    1 
ATOM   334 N  N3    . DT  A 1 19 ? -5.808  -20.708 1.335   1.00 113.09 ? 19  DT  A N3    1 
ATOM   335 C  C4    . DT  A 1 19 ? -6.763  -21.705 1.296   1.00 116.37 ? 19  DT  A C4    1 
ATOM   336 O  O4    . DT  A 1 19 ? -6.472  -22.815 0.856   1.00 118.41 ? 19  DT  A O4    1 
ATOM   337 C  C5    . DT  A 1 19 ? -8.069  -21.328 1.795   1.00 114.54 ? 19  DT  A C5    1 
ATOM   338 C  C7    . DT  A 1 19 ? -9.169  -22.343 1.790   1.00 113.72 ? 19  DT  A C7    1 
ATOM   339 C  C6    . DT  A 1 19 ? -8.233  -20.077 2.246   1.00 108.07 ? 19  DT  A C6    1 
ATOM   340 P  P     . DA  A 1 20 ? -8.351  -13.992 5.448   1.00 68.92  ? 20  DA  A P     1 
ATOM   341 O  OP1   . DA  A 1 20 ? -7.480  -14.312 6.609   1.00 68.93  ? 20  DA  A OP1   1 
ATOM   342 O  OP2   . DA  A 1 20 ? -9.774  -13.611 5.668   1.00 74.69  ? 20  DA  A OP2   1 
ATOM   343 O  "O5'" . DA  A 1 20 ? -7.609  -12.837 4.645   1.00 64.87  ? 20  DA  A "O5'" 1 
ATOM   344 C  "C5'" . DA  A 1 20 ? -8.264  -12.141 3.579   1.00 52.22  ? 20  DA  A "C5'" 1 
ATOM   345 C  "C4'" . DA  A 1 20 ? -7.716  -10.739 3.523   1.00 46.65  ? 20  DA  A "C4'" 1 
ATOM   346 O  "O4'" . DA  A 1 20 ? -7.987  -10.074 4.776   1.00 47.16  ? 20  DA  A "O4'" 1 
ATOM   347 C  "C3'" . DA  A 1 20 ? -6.201  -10.668 3.320   1.00 45.22  ? 20  DA  A "C3'" 1 
ATOM   348 O  "O3'" . DA  A 1 20 ? -5.963  -9.666  2.324   1.00 47.32  ? 20  DA  A "O3'" 1 
ATOM   349 C  "C2'" . DA  A 1 20 ? -5.673  -10.248 4.679   1.00 41.93  ? 20  DA  A "C2'" 1 
ATOM   350 C  "C1'" . DA  A 1 20 ? -6.815  -9.411  5.212   1.00 44.45  ? 20  DA  A "C1'" 1 
ATOM   351 N  N9    . DA  A 1 20 ? -6.863  -9.308  6.671   1.00 44.23  ? 20  DA  A N9    1 
ATOM   352 C  C8    . DA  A 1 20 ? -6.791  -10.335 7.579   1.00 44.95  ? 20  DA  A C8    1 
ATOM   353 N  N7    . DA  A 1 20 ? -6.849  -9.942  8.827   1.00 47.75  ? 20  DA  A N7    1 
ATOM   354 C  C5    . DA  A 1 20 ? -6.957  -8.561  8.737   1.00 46.36  ? 20  DA  A C5    1 
ATOM   355 C  C6    . DA  A 1 20 ? -7.059  -7.552  9.714   1.00 44.85  ? 20  DA  A C6    1 
ATOM   356 N  N6    . DA  A 1 20 ? -7.058  -7.789  11.027  1.00 46.52  ? 20  DA  A N6    1 
ATOM   357 N  N1    . DA  A 1 20 ? -7.160  -6.272  9.289   1.00 43.90  ? 20  DA  A N1    1 
ATOM   358 C  C2    . DA  A 1 20 ? -7.152  -6.034  7.971   1.00 43.27  ? 20  DA  A C2    1 
ATOM   359 N  N3    . DA  A 1 20 ? -7.084  -6.897  6.959   1.00 44.84  ? 20  DA  A N3    1 
ATOM   360 C  C4    . DA  A 1 20 ? -6.974  -8.157  7.414   1.00 43.06  ? 20  DA  A C4    1 
ATOM   361 P  P     . DG  A 1 21 ? -4.651  -9.693  1.426   1.00 42.65  ? 21  DG  A P     1 
ATOM   362 O  OP1   . DG  A 1 21 ? -4.451  -11.074 0.952   1.00 47.78  ? 21  DG  A OP1   1 
ATOM   363 O  OP2   . DG  A 1 21 ? -3.567  -9.023  2.178   1.00 44.72  ? 21  DG  A OP2   1 
ATOM   364 O  "O5'" . DG  A 1 21 ? -5.078  -8.775  0.198   1.00 43.68  ? 21  DG  A "O5'" 1 
ATOM   365 C  "C5'" . DG  A 1 21 ? -6.124  -9.181  -0.711  1.00 43.82  ? 21  DG  A "C5'" 1 
ATOM   366 C  "C4'" . DG  A 1 21 ? -6.070  -8.328  -1.958  1.00 44.00  ? 21  DG  A "C4'" 1 
ATOM   367 O  "O4'" . DG  A 1 21 ? -6.243  -6.934  -1.596  1.00 44.91  ? 21  DG  A "O4'" 1 
ATOM   368 C  "C3'" . DG  A 1 21 ? -4.749  -8.415  -2.720  1.00 42.42  ? 21  DG  A "C3'" 1 
ATOM   369 O  "O3'" . DG  A 1 21 ? -4.934  -8.438  -4.136  1.00 50.47  ? 21  DG  A "O3'" 1 
ATOM   370 C  "C2'" . DG  A 1 21 ? -4.046  -7.122  -2.373  1.00 44.10  ? 21  DG  A "C2'" 1 
ATOM   371 C  "C1'" . DG  A 1 21 ? -5.177  -6.152  -2.103  1.00 40.48  ? 21  DG  A "C1'" 1 
ATOM   372 N  N9    . DG  A 1 21 ? -4.757  -5.207  -1.074  1.00 34.74  ? 21  DG  A N9    1 
ATOM   373 C  C8    . DG  A 1 21 ? -4.277  -5.517  0.175   1.00 32.93  ? 21  DG  A C8    1 
ATOM   374 N  N7    . DG  A 1 21 ? -3.862  -4.471  0.838   1.00 34.89  ? 21  DG  A N7    1 
ATOM   375 C  C5    . DG  A 1 21 ? -4.039  -3.414  -0.043  1.00 32.45  ? 21  DG  A C5    1 
ATOM   376 C  C6    . DG  A 1 21 ? -3.778  -2.028  0.118   1.00 32.50  ? 21  DG  A C6    1 
ATOM   377 O  O6    . DG  A 1 21 ? -3.311  -1.439  1.098   1.00 33.34  ? 21  DG  A O6    1 
ATOM   378 N  N1    . DG  A 1 21 ? -4.115  -1.308  -1.022  1.00 32.61  ? 21  DG  A N1    1 
ATOM   379 C  C2    . DG  A 1 21 ? -4.642  -1.846  -2.168  1.00 31.54  ? 21  DG  A C2    1 
ATOM   380 N  N2    . DG  A 1 21 ? -4.915  -0.982  -3.151  1.00 31.15  ? 21  DG  A N2    1 
ATOM   381 N  N3    . DG  A 1 21 ? -4.901  -3.133  -2.329  1.00 32.42  ? 21  DG  A N3    1 
ATOM   382 C  C4    . DG  A 1 21 ? -4.576  -3.854  -1.234  1.00 32.71  ? 21  DG  A C4    1 
ATOM   383 P  P     . DG  A 1 22 ? -3.659  -8.430  -5.132  1.00 51.84  ? 22  DG  A P     1 
ATOM   384 O  OP1   . DG  A 1 22 ? -3.884  -9.484  -6.148  1.00 54.00  ? 22  DG  A OP1   1 
ATOM   385 O  OP2   . DG  A 1 22 ? -2.395  -8.448  -4.342  1.00 49.56  ? 22  DG  A OP2   1 
ATOM   386 O  "O5'" . DG  A 1 22 ? -3.713  -6.966  -5.754  1.00 49.34  ? 22  DG  A "O5'" 1 
ATOM   387 C  "C5'" . DG  A 1 22 ? -4.950  -6.359  -6.170  1.00 44.95  ? 22  DG  A "C5'" 1 
ATOM   388 C  "C4'" . DG  A 1 22 ? -4.627  -5.178  -7.053  1.00 42.33  ? 22  DG  A "C4'" 1 
ATOM   389 O  "O4'" . DG  A 1 22 ? -4.237  -4.051  -6.236  1.00 38.15  ? 22  DG  A "O4'" 1 
ATOM   390 C  "C3'" . DG  A 1 22 ? -3.466  -5.415  -8.012  1.00 40.02  ? 22  DG  A "C3'" 1 
ATOM   391 O  "O3'" . DG  A 1 22 ? -3.731  -4.735  -9.240  1.00 41.44  ? 22  DG  A "O3'" 1 
ATOM   392 C  "C2'" . DG  A 1 22 ? -2.266  -4.826  -7.285  1.00 39.59  ? 22  DG  A "C2'" 1 
ATOM   393 C  "C1'" . DG  A 1 22 ? -2.871  -3.720  -6.440  1.00 35.95  ? 22  DG  A "C1'" 1 
ATOM   394 N  N9    . DG  A 1 22 ? -2.279  -3.537  -5.123  1.00 35.81  ? 22  DG  A N9    1 
ATOM   395 C  C8    . DG  A 1 22 ? -2.090  -4.481  -4.140  1.00 31.82  ? 22  DG  A C8    1 
ATOM   396 N  N7    . DG  A 1 22 ? -1.597  -3.979  -3.040  1.00 34.58  ? 22  DG  A N7    1 
ATOM   397 C  C5    . DG  A 1 22 ? -1.475  -2.620  -3.307  1.00 31.62  ? 22  DG  A C5    1 
ATOM   398 C  C6    . DG  A 1 22 ? -1.034  -1.552  -2.479  1.00 31.71  ? 22  DG  A C6    1 
ATOM   399 O  O6    . DG  A 1 22 ? -0.606  -1.598  -1.322  1.00 34.38  ? 22  DG  A O6    1 
ATOM   400 N  N1    . DG  A 1 22 ? -1.104  -0.331  -3.138  1.00 29.03  ? 22  DG  A N1    1 
ATOM   401 C  C2    . DG  A 1 22 ? -1.542  -0.155  -4.425  1.00 32.33  ? 22  DG  A C2    1 
ATOM   402 N  N2    . DG  A 1 22 ? -1.520  1.099   -4.894  1.00 29.79  ? 22  DG  A N2    1 
ATOM   403 N  N3    . DG  A 1 22 ? -1.973  -1.134  -5.197  1.00 33.21  ? 22  DG  A N3    1 
ATOM   404 C  C4    . DG  A 1 22 ? -1.920  -2.330  -4.575  1.00 32.88  ? 22  DG  A C4    1 
ATOM   405 P  P     . DG  A 1 23 ? -2.796  -4.981  -10.491 1.00 43.31  ? 23  DG  A P     1 
ATOM   406 O  OP1   . DG  A 1 23 ? -3.603  -4.779  -11.726 1.00 46.98  ? 23  DG  A OP1   1 
ATOM   407 O  OP2   . DG  A 1 23 ? -2.055  -6.226  -10.281 1.00 41.26  ? 23  DG  A OP2   1 
ATOM   408 O  "O5'" . DG  A 1 23 ? -1.731  -3.806  -10.381 1.00 38.72  ? 23  DG  A "O5'" 1 
ATOM   409 C  "C5'" . DG  A 1 23 ? -2.082  -2.468  -10.761 1.00 40.80  ? 23  DG  A "C5'" 1 
ATOM   410 C  "C4'" . DG  A 1 23 ? -0.887  -1.559  -10.592 1.00 39.13  ? 23  DG  A "C4'" 1 
ATOM   411 O  "O4'" . DG  A 1 23 ? -0.619  -1.437  -9.179  1.00 37.31  ? 23  DG  A "O4'" 1 
ATOM   412 C  "C3'" . DG  A 1 23 ? 0.405   -2.074  -11.237 1.00 39.42  ? 23  DG  A "C3'" 1 
ATOM   413 O  "O3'" . DG  A 1 23 ? 0.869   -1.209  -12.285 1.00 43.05  ? 23  DG  A "O3'" 1 
ATOM   414 C  "C2'" . DG  A 1 23 ? 1.416   -2.120  -10.098 1.00 36.39  ? 23  DG  A "C2'" 1 
ATOM   415 C  "C1'" . DG  A 1 23 ? 0.769   -1.299  -9.000  1.00 36.13  ? 23  DG  A "C1'" 1 
ATOM   416 N  N9    . DG  A 1 23 ? 1.077   -1.716  -7.637  1.00 34.80  ? 23  DG  A N9    1 
ATOM   417 C  C8    . DG  A 1 23 ? 1.075   -2.986  -7.112  1.00 32.08  ? 23  DG  A C8    1 
ATOM   418 N  N7    . DG  A 1 23 ? 1.383   -3.015  -5.845  1.00 35.02  ? 23  DG  A N7    1 
ATOM   419 C  C5    . DG  A 1 23 ? 1.614   -1.683  -5.519  1.00 30.96  ? 23  DG  A C5    1 
ATOM   420 C  C6    . DG  A 1 23 ? 1.974   -1.093  -4.289  1.00 31.41  ? 23  DG  A C6    1 
ATOM   421 O  O6    . DG  A 1 23 ? 2.175   -1.643  -3.203  1.00 34.22  ? 23  DG  A O6    1 
ATOM   422 N  N1    . DG  A 1 23 ? 2.107   0.288   -4.402  1.00 30.12  ? 23  DG  A N1    1 
ATOM   423 C  C2    . DG  A 1 23 ? 1.902   1.010   -5.550  1.00 33.39  ? 23  DG  A C2    1 
ATOM   424 N  N2    . DG  A 1 23 ? 2.081   2.340   -5.458  1.00 31.35  ? 23  DG  A N2    1 
ATOM   425 N  N3    . DG  A 1 23 ? 1.552   0.470   -6.703  1.00 33.74  ? 23  DG  A N3    1 
ATOM   426 C  C4    . DG  A 1 23 ? 1.415   -0.871  -6.612  1.00 33.05  ? 23  DG  A C4    1 
HETATM 427 K  K     . K   B 2 .  ? -1.262  0.472   0.965   1.00 35.43  ? 101 K   A K     1 
HETATM 428 K  K     . K   C 2 .  ? 1.874   -0.571  -0.613  1.00 34.38  ? 102 K   A K     1 
HETATM 429 O  O4    . 51O D 3 .  ? 8.232   -7.861  4.854   0.50 49.42  ? 103 51O A O4    1 
HETATM 430 C  C15   . 51O D 3 .  ? 7.827   -7.235  3.900   0.50 44.51  ? 103 51O A C15   1 
HETATM 431 N  N7    . 51O D 3 .  ? 6.917   -7.812  3.018   0.50 44.55  ? 103 51O A N7    1 
HETATM 432 C  C17   . 51O D 3 .  ? 6.414   -9.172  3.206   0.50 42.70  ? 103 51O A C17   1 
HETATM 433 C  C16   . 51O D 3 .  ? 6.483   -7.068  1.940   0.50 42.79  ? 103 51O A C16   1 
HETATM 434 O  O3    . 51O D 3 .  ? 5.692   -7.556  1.157   0.50 44.85  ? 103 51O A O3    1 
HETATM 435 C  C13   . 51O D 3 .  ? 6.956   -5.777  1.761   0.50 40.63  ? 103 51O A C13   1 
HETATM 436 N  N5    . 51O D 3 .  ? 6.677   -4.848  0.782   0.50 42.05  ? 103 51O A N5    1 
HETATM 437 C  C11   . 51O D 3 .  ? 5.764   -5.087  -0.321  0.50 42.15  ? 103 51O A C11   1 
HETATM 438 N  N8    . 51O D 3 .  ? 8.285   -5.934  3.699   0.50 44.11  ? 103 51O A N8    1 
HETATM 439 C  C18   . 51O D 3 .  ? 9.245   -5.394  4.648   0.50 43.32  ? 103 51O A C18   1 
HETATM 440 C  C14   . 51O D 3 .  ? 7.831   -5.199  2.602   0.50 40.49  ? 103 51O A C14   1 
HETATM 441 N  N6    . 51O D 3 .  ? 8.079   -3.899  2.111   0.50 41.89  ? 103 51O A N6    1 
HETATM 442 C  C12   . 51O D 3 .  ? 8.980   -2.922  2.719   0.50 43.41  ? 103 51O A C12   1 
HETATM 443 C  C10   . 51O D 3 .  ? 7.360   -3.730  1.001   0.50 39.97  ? 103 51O A C10   1 
HETATM 444 AU AU    . 51O D 3 .  ? 7.285   -2.069  -0.154  0.50 38.85  ? 103 51O A AU    1 
HETATM 445 C  C1    . 51O D 3 .  ? 7.199   -0.406  -1.317  0.50 30.54  ? 103 51O A C1    1 
HETATM 446 N  N2    . 51O D 3 .  ? 6.436   -0.279  -2.411  0.50 29.77  ? 103 51O A N2    1 
HETATM 447 C  C5    . 51O D 3 .  ? 6.599   0.973   -2.996  0.50 27.52  ? 103 51O A C5    1 
HETATM 448 C  C3    . 51O D 3 .  ? 5.561   -1.324  -2.921  0.50 28.56  ? 103 51O A C3    1 
HETATM 449 N  N1    . 51O D 3 .  ? 7.840   0.764   -1.173  0.50 30.44  ? 103 51O A N1    1 
HETATM 450 C  C2    . 51O D 3 .  ? 8.787   1.149   -0.128  0.50 32.18  ? 103 51O A C2    1 
HETATM 451 C  C4    . 51O D 3 .  ? 7.477   1.624   -2.213  0.50 27.22  ? 103 51O A C4    1 
HETATM 452 N  N4    . 51O D 3 .  ? 7.874   2.913   -2.522  0.50 27.50  ? 103 51O A N4    1 
HETATM 453 C  C8    . 51O D 3 .  ? 8.831   3.616   -1.662  0.50 27.70  ? 103 51O A C8    1 
HETATM 454 C  C7    . 51O D 3 .  ? 7.347   3.552   -3.641  0.50 28.47  ? 103 51O A C7    1 
HETATM 455 O  O2    . 51O D 3 .  ? 7.691   4.692   -3.919  0.50 29.65  ? 103 51O A O2    1 
HETATM 456 N  N3    . 51O D 3 .  ? 6.433   2.881   -4.458  0.50 27.62  ? 103 51O A N3    1 
HETATM 457 C  C9    . 51O D 3 .  ? 5.883   3.530   -5.644  0.50 27.62  ? 103 51O A C9    1 
HETATM 458 C  C6    . 51O D 3 .  ? 6.048   1.587   -4.130  0.50 27.25  ? 103 51O A C6    1 
HETATM 459 O  O1    . 51O D 3 .  ? 5.244   1.028   -4.852  0.50 25.89  ? 103 51O A O1    1 
HETATM 460 O  O4    . 51O E 3 .  ? -1.255  1.051   12.329  0.50 38.76  ? 104 51O A O4    1 
HETATM 461 C  C15   . 51O E 3 .  ? -1.741  1.029   11.209  0.50 38.26  ? 104 51O A C15   1 
HETATM 462 N  N7    . 51O E 3 .  ? -1.754  2.202   10.474  0.50 38.71  ? 104 51O A N7    1 
HETATM 463 C  C17   . 51O E 3 .  ? -1.191  3.426   11.038  0.50 39.44  ? 104 51O A C17   1 
HETATM 464 C  C16   . 51O E 3 .  ? -2.308  2.203   9.195   0.50 38.20  ? 104 51O A C16   1 
HETATM 465 O  O3    . 51O E 3 .  ? -2.315  3.236   8.553   0.50 39.11  ? 104 51O A O3    1 
HETATM 466 C  C13   . 51O E 3 .  ? -2.849  1.034   8.655   0.50 36.93  ? 104 51O A C13   1 
HETATM 467 N  N5    . 51O E 3 .  ? -3.448  0.765   7.422   0.50 38.03  ? 104 51O A N5    1 
HETATM 468 C  C11   . 51O E 3 .  ? -3.649  1.748   6.363   0.50 36.00  ? 104 51O A C11   1 
HETATM 469 N  N8    . 51O E 3 .  ? -2.294  -0.137  10.654  0.50 38.90  ? 104 51O A N8    1 
HETATM 470 C  C18   . 51O E 3 .  ? -2.281  -1.349  11.447  0.50 37.19  ? 104 51O A C18   1 
HETATM 471 C  C14   . 51O E 3 .  ? -2.855  -0.122  9.357   0.50 37.11  ? 104 51O A C14   1 
HETATM 472 N  N6    . 51O E 3 .  ? -3.475  -1.070  8.515   0.50 36.18  ? 104 51O A N6    1 
HETATM 473 C  C12   . 51O E 3 .  ? -3.734  -2.484  8.784   0.50 35.68  ? 104 51O A C12   1 
HETATM 474 C  C10   . 51O E 3 .  ? -3.818  -0.498  7.393   0.50 33.52  ? 104 51O A C10   1 
HETATM 475 AU AU    . 51O E 3 .  ? -4.720  -1.412  5.868   0.50 37.25  ? 104 51O A AU    1 
HETATM 476 C  C1    . 51O E 3 .  ? -5.636  -2.352  4.314   0.50 33.22  ? 104 51O A C1    1 
HETATM 477 N  N2    . 51O E 3 .  ? -5.974  -1.800  3.176   0.50 30.29  ? 104 51O A N2    1 
HETATM 478 C  C5    . 51O E 3 .  ? -6.591  -2.732  2.351   0.50 31.39  ? 104 51O A C5    1 
HETATM 479 C  C3    . 51O E 3 .  ? -5.767  -0.410  2.831   0.50 35.31  ? 104 51O A C3    1 
HETATM 480 N  N1    . 51O E 3 .  ? -5.990  -3.630  4.246   0.50 33.36  ? 104 51O A N1    1 
HETATM 481 C  C2    . 51O E 3 .  ? -5.789  -4.628  5.285   0.50 35.01  ? 104 51O A C2    1 
HETATM 482 C  C4    . 51O E 3 .  ? -6.594  -3.887  3.020   0.50 30.31  ? 104 51O A C4    1 
HETATM 483 N  N4    . 51O E 3 .  ? -7.137  -5.040  2.429   0.50 33.63  ? 104 51O A N4    1 
HETATM 484 C  C8    . 51O E 3 .  ? -7.142  -6.313  3.130   0.50 30.28  ? 104 51O A C8    1 
HETATM 485 C  C7    . 51O E 3 .  ? -7.695  -4.992  1.152   0.50 34.12  ? 104 51O A C7    1 
HETATM 486 O  O2    . 51O E 3 .  ? -8.173  -6.007  0.650   0.50 37.35  ? 104 51O A O2    1 
HETATM 487 N  N3    . 51O E 3 .  ? -7.693  -3.785  0.453   0.50 32.68  ? 104 51O A N3    1 
HETATM 488 C  C9    . 51O E 3 .  ? -8.257  -3.728  -0.890  0.50 34.62  ? 104 51O A C9    1 
HETATM 489 C  C6    . 51O E 3 .  ? -7.140  -2.645  1.052   0.50 32.76  ? 104 51O A C6    1 
HETATM 490 O  O1    . 51O E 3 .  ? -7.125  -1.586  0.445   0.50 30.20  ? 104 51O A O1    1 
HETATM 491 O  O4    . 51O F 3 .  ? -0.767  10.376  6.847   0.50 35.05  ? 105 51O A O4    1 
HETATM 492 C  C15   . 51O F 3 .  ? -1.278  9.363   6.397   0.50 36.58  ? 105 51O A C15   1 
HETATM 493 N  N7    . 51O F 3 .  ? -1.234  8.170   7.126   0.50 36.36  ? 105 51O A N7    1 
HETATM 494 C  C17   . 51O F 3 .  ? -0.578  8.129   8.430   0.50 35.52  ? 105 51O A C17   1 
HETATM 495 C  C16   . 51O F 3 .  ? -1.824  7.016   6.599   0.50 37.31  ? 105 51O A C16   1 
HETATM 496 O  O3    . 51O F 3 .  ? -1.793  5.969   7.226   0.50 41.31  ? 105 51O A O3    1 
HETATM 497 C  C13   . 51O F 3 .  ? -2.451  7.066   5.347   0.50 35.61  ? 105 51O A C13   1 
HETATM 498 N  N5    . 51O F 3 .  ? -3.112  6.103   4.579   0.50 35.47  ? 105 51O A N5    1 
HETATM 499 C  C11   . 51O F 3 .  ? -3.306  4.705   4.955   0.50 36.21  ? 105 51O A C11   1 
HETATM 500 N  N8    . 51O F 3 .  ? -1.910  9.388   5.149   0.50 35.58  ? 105 51O A N8    1 
HETATM 501 C  C18   . 51O F 3 .  ? -1.962  10.626  4.378   0.50 35.45  ? 105 51O A C18   1 
HETATM 502 C  C14   . 51O F 3 .  ? -2.494  8.220   4.642   0.50 36.18  ? 105 51O A C14   1 
HETATM 503 N  N6    . 51O F 3 .  ? -3.178  7.940   3.456   0.50 37.09  ? 105 51O A N6    1 
HETATM 504 C  C12   . 51O F 3 .  ? -3.457  8.899   2.391   0.50 35.46  ? 105 51O A C12   1 
HETATM 505 C  C10   . 51O F 3 .  ? -3.533  6.662   3.453   0.50 33.64  ? 105 51O A C10   1 
HETATM 506 AU AU    . 51O F 3 .  ? -4.547  5.725   1.979   0.50 36.03  ? 105 51O A AU    1 
HETATM 507 C  C1    . 51O F 3 .  ? -5.562  4.788   0.505   0.50 34.46  ? 105 51O A C1    1 
HETATM 508 N  N2    . 51O F 3 .  ? -5.918  3.512   0.498   0.50 35.69  ? 105 51O A N2    1 
HETATM 509 C  C5    . 51O F 3 .  ? -6.602  3.247   -0.692  0.50 33.65  ? 105 51O A C5    1 
HETATM 510 C  C3    . 51O F 3 .  ? -5.643  2.545   1.557   0.50 36.76  ? 105 51O A C3    1 
HETATM 511 N  N1    . 51O F 3 .  ? -5.975  5.364   -0.614  0.50 34.20  ? 105 51O A N1    1 
HETATM 512 C  C2    . 51O F 3 .  ? -5.773  6.765   -0.975  0.50 35.83  ? 105 51O A C2    1 
HETATM 513 C  C4    . 51O F 3 .  ? -6.636  4.408   -1.390  0.50 33.28  ? 105 51O A C4    1 
HETATM 514 N  N4    . 51O F 3 .  ? -7.261  4.470   -2.642  0.50 36.28  ? 105 51O A N4    1 
HETATM 515 C  C8    . 51O F 3 .  ? -7.293  5.727   -3.383  0.50 36.22  ? 105 51O A C8    1 
HETATM 516 C  C7    . 51O F 3 .  ? -7.855  3.322   -3.180  0.50 36.02  ? 105 51O A C7    1 
HETATM 517 O  O2    . 51O F 3 .  ? -8.400  3.367   -4.271  0.50 35.35  ? 105 51O A O2    1 
HETATM 518 N  N3    . 51O F 3 .  ? -7.817  2.123   -2.460  0.50 35.34  ? 105 51O A N3    1 
HETATM 519 C  C9    . 51O F 3 .  ? -8.432  0.917   -3.010  0.50 38.19  ? 105 51O A C9    1 
HETATM 520 C  C6    . 51O F 3 .  ? -7.188  2.085   -1.211  0.50 36.15  ? 105 51O A C6    1 
HETATM 521 O  O1    . 51O F 3 .  ? -7.150  1.045   -0.576  0.50 37.93  ? 105 51O A O1    1 
HETATM 522 O  O     . HOH G 4 .  ? -9.085  5.635   -9.951  1.00 57.40  ? 201 HOH A O     1 
HETATM 523 O  O     . HOH G 4 .  ? -1.641  -8.147  0.650   1.00 45.64  ? 202 HOH A O     1 
HETATM 524 O  O     . HOH G 4 .  ? -9.105  8.511   -1.201  1.00 38.21  ? 203 HOH A O     1 
HETATM 525 O  O     . HOH G 4 .  ? -0.716  -8.269  -2.233  1.00 41.62  ? 204 HOH A O     1 
HETATM 526 O  O     . HOH G 4 .  ? 4.024   6.216   -6.874  1.00 43.90  ? 205 HOH A O     1 
HETATM 527 O  O     . HOH G 4 .  ? 5.826   -13.187 -0.126  1.00 40.69  ? 206 HOH A O     1 
HETATM 528 O  O     . HOH G 4 .  ? 2.523   7.926   -0.132  1.00 35.02  ? 207 HOH A O     1 
HETATM 529 O  O     . HOH G 4 .  ? -3.323  -6.936  3.998   1.00 42.36  ? 208 HOH A O     1 
HETATM 530 O  O     . HOH G 4 .  ? 9.651   20.997  -1.356  1.00 45.20  ? 209 HOH A O     1 
HETATM 531 O  O     . HOH G 4 .  ? -2.343  -10.453 4.224   1.00 41.84  ? 210 HOH A O     1 
HETATM 532 O  O     . HOH G 4 .  ? 9.658   5.102   -6.022  1.00 50.02  ? 211 HOH A O     1 
HETATM 533 O  O     . HOH G 4 .  ? -0.606  4.665   -7.821  1.00 41.32  ? 212 HOH A O     1 
HETATM 534 O  O     . HOH G 4 .  ? 0.171   -7.106  -8.551  0.50 36.71  ? 213 HOH A O     1 
HETATM 535 O  O     . HOH G 4 .  ? 2.478   -20.702 0.283   1.00 59.39  ? 214 HOH A O     1 
HETATM 536 O  O     . HOH G 4 .  ? -0.003  -7.568  -6.033  1.00 44.53  ? 215 HOH A O     1 
HETATM 537 O  O     . HOH G 4 .  ? 7.235   5.305   3.139   1.00 55.00  ? 216 HOH A O     1 
HETATM 538 O  O     . HOH G 4 .  ? 1.424   7.685   -9.547  1.00 50.70  ? 217 HOH A O     1 
HETATM 539 O  O     . HOH G 4 .  ? -2.068  -10.337 -1.245  1.00 43.51  ? 218 HOH A O     1 
HETATM 540 O  O     . HOH G 4 .  ? 0.625   11.342  -2.988  1.00 41.73  ? 219 HOH A O     1 
HETATM 541 O  O     . HOH G 4 .  ? -7.057  -3.763  -4.668  1.00 64.79  ? 220 HOH A O     1 
HETATM 542 O  O     . HOH G 4 .  ? 11.549  -3.440  4.903   1.00 44.94  ? 221 HOH A O     1 
HETATM 543 O  O     . HOH G 4 .  ? -1.101  1.890   -8.275  1.00 48.62  ? 222 HOH A O     1 
# 
